data_4DMG
#
_entry.id   4DMG
#
_cell.length_a   63.797
_cell.length_b   45.998
_cell.length_c   129.364
_cell.angle_alpha   90.000
_cell.angle_beta   96.780
_cell.angle_gamma   90.000
#
_symmetry.space_group_name_H-M   'P 1 21 1'
#
loop_
_entity.id
_entity.type
_entity.pdbx_description
1 polymer 'Putative uncharacterized protein TTHA1493'
2 non-polymer S-ADENOSYLMETHIONINE
3 water water
#
_entity_poly.entity_id   1
_entity_poly.type   'polypeptide(L)'
_entity_poly.pdbx_seq_one_letter_code
;MLGPVLRLVVKAGKERKLRNFYPNLYRDEIAAPPEGVGVAEAVDAEGHFLAVGYYDPRSRVPFRAFRFDPGPLNRAFFQG
RFARALRRRQGLGESHRLVHGEADGLPGLVVDRFGEVLVLQVRSRGMEALREVWLPALLEVVAPKGVYERSDVEARRQEG
LPERVGVVYGEVPEVLEVEEDGLRFPIPLALAQKTGYYLDQRENRRLFEAMVRPGERVLDVYSYVGGFALRAARKGAYAL
AVDKDLEALGVLDQAALRLGLRVDIRHGEALPTLRGLEGPFHHVLLDPPTLVKRPEELPAMKRHLVDLVREALRLLAEEG
FLWLSSCSYHLRLEDLLEVARRAAADLGRRLRVHRVTYQPEDHPWSLHIPESLYLKTLVLQDDPLLEHHHHHH
;
_entity_poly.pdbx_strand_id   A,B
#
# COMPACT_ATOMS: atom_id res chain seq x y z
N MET A 1 52.53 -11.43 -9.29
CA MET A 1 52.05 -10.41 -8.34
C MET A 1 51.01 -9.50 -8.98
N LEU A 2 50.07 -9.04 -8.17
CA LEU A 2 49.07 -8.08 -8.61
C LEU A 2 49.42 -6.70 -8.08
N GLY A 3 48.79 -5.68 -8.64
CA GLY A 3 48.94 -4.34 -8.12
C GLY A 3 48.29 -4.26 -6.75
N PRO A 4 48.58 -3.19 -6.00
CA PRO A 4 47.93 -3.00 -4.71
C PRO A 4 46.43 -2.96 -4.86
N VAL A 5 45.72 -3.36 -3.81
CA VAL A 5 44.27 -3.25 -3.77
C VAL A 5 43.88 -1.79 -4.04
N LEU A 6 43.10 -1.56 -5.08
CA LEU A 6 42.54 -0.24 -5.32
C LEU A 6 41.70 0.11 -4.10
N ARG A 7 41.92 1.29 -3.56
CA ARG A 7 41.39 1.62 -2.25
C ARG A 7 40.86 3.04 -2.20
N LEU A 8 39.59 3.17 -1.84
CA LEU A 8 38.91 4.45 -1.79
C LEU A 8 38.65 4.79 -0.32
N VAL A 9 38.85 6.05 0.04
CA VAL A 9 38.59 6.49 1.41
C VAL A 9 37.39 7.43 1.48
N VAL A 10 36.43 7.08 2.32
CA VAL A 10 35.21 7.87 2.49
C VAL A 10 35.41 8.94 3.55
N LYS A 11 34.90 10.14 3.28
CA LYS A 11 34.98 11.24 4.22
C LYS A 11 34.37 10.86 5.56
N ALA A 12 34.99 11.31 6.65
CA ALA A 12 34.51 11.02 7.99
C ALA A 12 33.07 11.46 8.18
N GLY A 13 32.20 10.51 8.52
CA GLY A 13 30.80 10.81 8.76
C GLY A 13 29.88 10.50 7.59
N LYS A 14 30.46 10.26 6.42
CA LYS A 14 29.67 10.00 5.23
C LYS A 14 29.60 8.51 4.92
N GLU A 15 30.20 7.69 5.78
CA GLU A 15 30.30 6.26 5.54
C GLU A 15 29.09 5.47 6.02
N ARG A 16 28.21 6.13 6.78
CA ARG A 16 27.05 5.46 7.36
C ARG A 16 26.13 4.88 6.28
N LYS A 17 26.00 5.61 5.17
CA LYS A 17 25.17 5.19 4.05
C LYS A 17 25.61 3.82 3.53
N LEU A 18 26.91 3.67 3.28
CA LEU A 18 27.46 2.39 2.82
C LEU A 18 27.31 1.28 3.86
N ARG A 19 27.52 1.63 5.12
CA ARG A 19 27.38 0.66 6.20
C ARG A 19 25.94 0.18 6.31
N ASN A 20 25.01 1.03 5.90
CA ASN A 20 23.60 0.69 5.94
C ASN A 20 23.06 0.28 4.57
N PHE A 21 23.94 -0.27 3.73
CA PHE A 21 23.55 -0.92 2.47
C PHE A 21 23.02 -0.02 1.36
N TYR A 22 23.33 1.27 1.43
CA TYR A 22 23.12 2.14 0.29
C TYR A 22 24.39 2.11 -0.54
N PRO A 23 24.29 1.68 -1.80
CA PRO A 23 25.50 1.39 -2.60
C PRO A 23 26.18 2.58 -3.25
N ASN A 24 25.52 3.73 -3.33
CA ASN A 24 26.05 4.85 -4.10
C ASN A 24 26.84 5.85 -3.26
N LEU A 25 28.03 6.18 -3.73
CA LEU A 25 28.88 7.13 -3.05
C LEU A 25 29.23 8.23 -4.05
N TYR A 26 29.02 9.48 -3.66
CA TYR A 26 29.18 10.59 -4.59
C TYR A 26 30.50 11.33 -4.42
N ARG A 27 30.89 12.06 -5.47
CA ARG A 27 32.17 12.77 -5.52
C ARG A 27 32.46 13.57 -4.26
N ASP A 28 31.46 14.31 -3.80
CA ASP A 28 31.62 15.15 -2.60
C ASP A 28 31.79 14.32 -1.32
N GLU A 29 31.56 13.02 -1.40
CA GLU A 29 31.64 12.16 -0.23
C GLU A 29 32.93 11.36 -0.18
N ILE A 30 33.77 11.52 -1.20
CA ILE A 30 35.02 10.79 -1.26
C ILE A 30 36.21 11.66 -0.84
N ALA A 31 36.88 11.24 0.24
CA ALA A 31 38.03 11.97 0.75
C ALA A 31 39.27 11.69 -0.08
N ALA A 32 39.48 10.41 -0.40
CA ALA A 32 40.62 10.01 -1.22
C ALA A 32 40.22 8.88 -2.17
N PRO A 33 40.20 9.17 -3.48
CA PRO A 33 39.86 8.19 -4.50
C PRO A 33 40.98 7.16 -4.66
N PRO A 34 40.68 6.01 -5.25
CA PRO A 34 41.72 4.99 -5.48
C PRO A 34 42.69 5.43 -6.58
N GLU A 35 43.73 4.62 -6.81
CA GLU A 35 44.76 4.93 -7.80
C GLU A 35 44.19 5.11 -9.19
N GLY A 36 43.40 4.14 -9.65
CA GLY A 36 42.82 4.20 -10.98
C GLY A 36 41.39 3.70 -11.04
N VAL A 37 40.93 3.41 -12.25
CA VAL A 37 39.56 2.94 -12.47
C VAL A 37 39.48 1.42 -12.37
N GLY A 38 38.37 0.92 -11.83
CA GLY A 38 38.13 -0.51 -11.77
C GLY A 38 37.59 -0.97 -10.44
N VAL A 39 37.68 -2.26 -10.19
CA VAL A 39 37.24 -2.83 -8.92
C VAL A 39 38.03 -2.22 -7.78
N ALA A 40 37.31 -1.61 -6.84
CA ALA A 40 37.93 -0.90 -5.73
C ALA A 40 37.27 -1.25 -4.41
N GLU A 41 38.05 -1.16 -3.35
CA GLU A 41 37.59 -1.39 -1.99
C GLU A 41 37.37 -0.03 -1.34
N ALA A 42 36.21 0.16 -0.71
CA ALA A 42 35.96 1.40 0.02
C ALA A 42 36.17 1.14 1.50
N VAL A 43 36.90 2.04 2.15
CA VAL A 43 37.11 1.99 3.60
C VAL A 43 36.74 3.34 4.20
N ASP A 44 36.49 3.37 5.50
CA ASP A 44 36.15 4.63 6.16
C ASP A 44 37.39 5.43 6.53
N ALA A 45 37.19 6.52 7.25
CA ALA A 45 38.30 7.41 7.63
C ALA A 45 39.33 6.71 8.51
N GLU A 46 38.94 5.63 9.16
CA GLU A 46 39.85 4.89 10.02
C GLU A 46 40.43 3.66 9.32
N GLY A 47 40.07 3.48 8.05
CA GLY A 47 40.61 2.39 7.26
C GLY A 47 39.88 1.07 7.36
N HIS A 48 38.74 1.08 8.06
CA HIS A 48 37.93 -0.14 8.20
C HIS A 48 37.12 -0.43 6.94
N PHE A 49 36.99 -1.70 6.60
CA PHE A 49 36.29 -2.11 5.37
C PHE A 49 34.84 -1.66 5.32
N LEU A 50 34.41 -1.21 4.13
CA LEU A 50 33.02 -0.82 3.90
C LEU A 50 32.37 -1.67 2.80
N ALA A 51 33.06 -1.80 1.67
CA ALA A 51 32.46 -2.47 0.51
C ALA A 51 33.49 -2.70 -0.59
N VAL A 52 33.17 -3.62 -1.49
CA VAL A 52 33.91 -3.72 -2.74
C VAL A 52 32.96 -3.33 -3.86
N GLY A 53 33.43 -2.51 -4.78
CA GLY A 53 32.58 -2.07 -5.88
C GLY A 53 33.38 -1.60 -7.06
N TYR A 54 32.80 -0.70 -7.84
CA TYR A 54 33.47 -0.18 -9.01
C TYR A 54 33.65 1.32 -8.93
N TYR A 55 34.90 1.78 -9.05
CA TYR A 55 35.17 3.20 -9.10
C TYR A 55 35.45 3.68 -10.52
N ASP A 56 34.71 4.67 -10.95
CA ASP A 56 34.89 5.25 -12.27
C ASP A 56 34.29 6.66 -12.27
N PRO A 57 35.15 7.69 -12.36
CA PRO A 57 34.70 9.09 -12.31
C PRO A 57 33.81 9.46 -13.49
N ARG A 58 33.78 8.61 -14.52
CA ARG A 58 32.95 8.88 -15.69
C ARG A 58 31.51 8.44 -15.45
N SER A 59 31.30 7.57 -14.46
CA SER A 59 29.97 7.10 -14.11
C SER A 59 29.19 8.18 -13.37
N ARG A 60 27.87 8.15 -13.49
CA ARG A 60 26.99 9.07 -12.78
C ARG A 60 27.29 9.04 -11.29
N VAL A 61 27.47 7.82 -10.79
CA VAL A 61 27.88 7.60 -9.41
C VAL A 61 29.31 7.09 -9.45
N PRO A 62 30.25 7.87 -8.92
CA PRO A 62 31.68 7.53 -9.02
C PRO A 62 32.02 6.17 -8.42
N PHE A 63 31.34 5.80 -7.34
CA PHE A 63 31.55 4.50 -6.75
C PHE A 63 30.21 3.82 -6.46
N ARG A 64 30.03 2.63 -7.03
CA ARG A 64 28.84 1.83 -6.73
C ARG A 64 29.31 0.55 -6.06
N ALA A 65 28.80 0.29 -4.87
CA ALA A 65 29.17 -0.90 -4.10
C ALA A 65 28.49 -2.11 -4.69
N PHE A 66 29.25 -3.17 -4.95
CA PHE A 66 28.67 -4.40 -5.46
C PHE A 66 28.43 -5.38 -4.31
N ARG A 67 29.33 -5.38 -3.33
CA ARG A 67 29.21 -6.26 -2.18
C ARG A 67 29.64 -5.53 -0.91
N PHE A 68 29.05 -5.90 0.22
CA PHE A 68 29.32 -5.22 1.48
C PHE A 68 30.13 -6.10 2.43
N ASP A 69 30.74 -7.14 1.87
CA ASP A 69 31.71 -7.97 2.59
C ASP A 69 32.95 -8.12 1.71
N PRO A 70 34.11 -8.43 2.32
CA PRO A 70 35.35 -8.54 1.53
C PRO A 70 35.31 -9.66 0.48
N GLY A 71 36.01 -9.45 -0.63
CA GLY A 71 36.10 -10.46 -1.66
C GLY A 71 36.18 -9.89 -3.06
N PRO A 72 36.44 -10.74 -4.04
CA PRO A 72 36.54 -10.31 -5.44
C PRO A 72 35.17 -10.20 -6.09
N LEU A 73 35.15 -9.52 -7.24
CA LEU A 73 33.96 -9.50 -8.07
C LEU A 73 34.24 -10.48 -9.19
N ASN A 74 34.39 -11.74 -8.82
CA ASN A 74 34.75 -12.79 -9.77
C ASN A 74 33.53 -13.57 -10.24
N ARG A 75 33.78 -14.64 -10.99
CA ARG A 75 32.72 -15.44 -11.57
C ARG A 75 31.84 -16.03 -10.47
N ALA A 76 32.50 -16.61 -9.47
CA ALA A 76 31.79 -17.26 -8.37
C ALA A 76 30.93 -16.28 -7.61
N PHE A 77 31.43 -15.06 -7.41
CA PHE A 77 30.63 -14.01 -6.78
C PHE A 77 29.36 -13.75 -7.58
N PHE A 78 29.51 -13.58 -8.90
CA PHE A 78 28.32 -13.29 -9.70
C PHE A 78 27.40 -14.50 -9.76
N GLN A 79 27.98 -15.70 -9.80
CA GLN A 79 27.19 -16.92 -9.73
C GLN A 79 26.31 -16.93 -8.49
N GLY A 80 26.88 -16.56 -7.35
CA GLY A 80 26.15 -16.47 -6.10
C GLY A 80 25.03 -15.45 -6.16
N ARG A 81 25.30 -14.30 -6.79
CA ARG A 81 24.30 -13.24 -6.90
C ARG A 81 23.14 -13.68 -7.79
N PHE A 82 23.43 -14.36 -8.88
CA PHE A 82 22.37 -14.82 -9.76
C PHE A 82 21.63 -15.99 -9.13
N ALA A 83 22.34 -16.82 -8.37
CA ALA A 83 21.67 -17.91 -7.64
C ALA A 83 20.67 -17.35 -6.61
N ARG A 84 21.08 -16.31 -5.90
CA ARG A 84 20.21 -15.66 -4.92
C ARG A 84 18.99 -15.12 -5.66
N ALA A 85 19.25 -14.39 -6.73
CA ALA A 85 18.19 -13.76 -7.52
C ALA A 85 17.18 -14.80 -8.01
N LEU A 86 17.69 -15.91 -8.55
CA LEU A 86 16.86 -17.01 -9.02
C LEU A 86 15.97 -17.58 -7.90
N ARG A 87 16.58 -17.82 -6.74
CA ARG A 87 15.85 -18.39 -5.61
C ARG A 87 14.73 -17.45 -5.13
N ARG A 88 14.99 -16.14 -5.18
CA ARG A 88 14.03 -15.14 -4.74
C ARG A 88 12.77 -15.14 -5.62
N ARG A 89 12.91 -15.66 -6.83
CA ARG A 89 11.79 -15.66 -7.78
C ARG A 89 11.14 -17.03 -7.95
N GLN A 90 11.44 -17.97 -7.05
CA GLN A 90 10.78 -19.26 -7.10
C GLN A 90 9.28 -19.09 -6.89
N GLY A 91 8.48 -19.83 -7.65
CA GLY A 91 7.04 -19.73 -7.55
C GLY A 91 6.44 -18.43 -8.08
N LEU A 92 7.28 -17.62 -8.74
CA LEU A 92 6.79 -16.40 -9.38
C LEU A 92 6.49 -16.64 -10.85
N GLY A 93 6.26 -17.89 -11.22
CA GLY A 93 5.88 -18.23 -12.58
C GLY A 93 7.07 -18.36 -13.51
N GLU A 94 6.79 -18.31 -14.80
CA GLU A 94 7.83 -18.49 -15.81
C GLU A 94 8.27 -17.15 -16.38
N SER A 95 7.53 -16.09 -16.05
CA SER A 95 7.89 -14.76 -16.49
C SER A 95 7.85 -13.78 -15.33
N HIS A 96 8.94 -13.03 -15.15
CA HIS A 96 9.10 -12.17 -13.99
C HIS A 96 10.42 -11.45 -14.15
N ARG A 97 10.62 -10.39 -13.38
CA ARG A 97 11.94 -9.76 -13.36
C ARG A 97 12.86 -10.65 -12.55
N LEU A 98 14.05 -10.92 -13.09
CA LEU A 98 15.02 -11.77 -12.38
C LEU A 98 16.01 -10.94 -11.55
N VAL A 99 16.48 -9.84 -12.12
CA VAL A 99 17.45 -8.97 -11.47
C VAL A 99 16.97 -7.52 -11.56
N HIS A 100 16.80 -6.89 -10.40
CA HIS A 100 16.35 -5.50 -10.30
C HIS A 100 17.47 -4.64 -9.72
N GLY A 101 18.60 -4.61 -10.43
CA GLY A 101 19.71 -3.75 -10.09
C GLY A 101 20.23 -3.83 -8.66
N GLU A 102 20.50 -2.65 -8.09
CA GLU A 102 21.07 -2.49 -6.76
CA GLU A 102 21.11 -2.56 -6.78
C GLU A 102 20.31 -3.25 -5.67
N ALA A 103 18.99 -3.32 -5.83
CA ALA A 103 18.19 -4.01 -4.84
C ALA A 103 18.53 -5.51 -4.78
N ASP A 104 19.01 -6.04 -5.90
CA ASP A 104 19.47 -7.44 -5.94
C ASP A 104 21.00 -7.54 -5.85
N GLY A 105 21.65 -6.48 -5.37
CA GLY A 105 23.09 -6.48 -5.18
C GLY A 105 23.87 -6.50 -6.49
N LEU A 106 23.27 -5.96 -7.54
CA LEU A 106 23.89 -5.97 -8.87
C LEU A 106 23.68 -4.61 -9.54
N PRO A 107 24.45 -3.59 -9.11
CA PRO A 107 24.21 -2.20 -9.54
C PRO A 107 24.33 -1.99 -11.05
N GLY A 108 23.26 -1.49 -11.67
CA GLY A 108 23.30 -1.20 -13.09
C GLY A 108 22.88 -2.35 -14.00
N LEU A 109 22.41 -3.45 -13.43
CA LEU A 109 21.95 -4.58 -14.24
C LEU A 109 20.46 -4.86 -14.04
N VAL A 110 19.72 -4.96 -15.14
CA VAL A 110 18.34 -5.41 -15.06
C VAL A 110 18.21 -6.63 -15.96
N VAL A 111 17.59 -7.68 -15.44
CA VAL A 111 17.38 -8.90 -16.22
C VAL A 111 15.92 -9.33 -16.07
N ASP A 112 15.20 -9.36 -17.18
CA ASP A 112 13.83 -9.87 -17.19
C ASP A 112 13.78 -11.25 -17.84
N ARG A 113 12.92 -12.11 -17.31
CA ARG A 113 12.81 -13.47 -17.81
C ARG A 113 11.45 -13.71 -18.45
N PHE A 114 11.46 -14.18 -19.69
CA PHE A 114 10.24 -14.56 -20.39
C PHE A 114 10.39 -15.99 -20.84
N GLY A 115 10.07 -16.93 -19.95
CA GLY A 115 10.23 -18.34 -20.25
C GLY A 115 11.71 -18.67 -20.34
N GLU A 116 12.15 -19.11 -21.51
CA GLU A 116 13.55 -19.49 -21.67
C GLU A 116 14.40 -18.38 -22.31
N VAL A 117 13.82 -17.20 -22.42
CA VAL A 117 14.53 -16.05 -22.97
C VAL A 117 14.70 -14.96 -21.93
N LEU A 118 15.91 -14.45 -21.80
CA LEU A 118 16.19 -13.32 -20.93
C LEU A 118 16.34 -12.06 -21.77
N VAL A 119 15.85 -10.95 -21.26
CA VAL A 119 16.11 -9.65 -21.85
C VAL A 119 16.77 -8.80 -20.78
N LEU A 120 17.95 -8.29 -21.07
CA LEU A 120 18.67 -7.52 -20.07
C LEU A 120 19.04 -6.13 -20.55
N GLN A 121 19.39 -5.29 -19.60
CA GLN A 121 19.90 -3.94 -19.86
CA GLN A 121 19.98 -4.00 -19.93
C GLN A 121 21.07 -3.67 -18.92
N VAL A 122 22.09 -3.00 -19.41
CA VAL A 122 23.25 -2.67 -18.60
C VAL A 122 23.34 -1.15 -18.52
N ARG A 123 23.28 -0.63 -17.30
CA ARG A 123 23.00 0.78 -17.08
C ARG A 123 24.14 1.60 -16.49
N SER A 124 25.24 0.94 -16.11
CA SER A 124 26.39 1.69 -15.60
C SER A 124 27.73 1.06 -15.96
N ARG A 125 28.80 1.85 -15.86
CA ARG A 125 30.12 1.46 -16.34
C ARG A 125 30.68 0.23 -15.65
N GLY A 126 30.40 0.11 -14.35
CA GLY A 126 30.82 -1.05 -13.57
C GLY A 126 30.35 -2.36 -14.18
N MET A 127 29.04 -2.51 -14.33
CA MET A 127 28.47 -3.71 -14.94
C MET A 127 29.00 -3.95 -16.34
N GLU A 128 29.13 -2.87 -17.10
CA GLU A 128 29.63 -2.96 -18.46
C GLU A 128 31.06 -3.47 -18.47
N ALA A 129 31.87 -2.99 -17.55
CA ALA A 129 33.28 -3.39 -17.49
C ALA A 129 33.41 -4.86 -17.10
N LEU A 130 32.43 -5.36 -16.36
CA LEU A 130 32.53 -6.70 -15.80
C LEU A 130 31.73 -7.74 -16.57
N ARG A 131 31.21 -7.38 -17.74
CA ARG A 131 30.32 -8.31 -18.45
C ARG A 131 30.98 -9.61 -18.88
N GLU A 132 32.28 -9.59 -19.19
CA GLU A 132 32.98 -10.82 -19.50
C GLU A 132 33.02 -11.76 -18.29
N VAL A 133 32.87 -11.18 -17.11
CA VAL A 133 32.83 -11.96 -15.87
C VAL A 133 31.40 -12.43 -15.53
N TRP A 134 30.45 -11.50 -15.51
CA TRP A 134 29.11 -11.88 -15.02
C TRP A 134 28.20 -12.56 -16.04
N LEU A 135 28.39 -12.29 -17.33
CA LEU A 135 27.50 -12.91 -18.32
C LEU A 135 27.61 -14.44 -18.33
N PRO A 136 28.85 -15.00 -18.35
CA PRO A 136 28.93 -16.46 -18.28
C PRO A 136 28.33 -17.01 -16.99
N ALA A 137 28.43 -16.26 -15.89
CA ALA A 137 27.84 -16.69 -14.63
C ALA A 137 26.32 -16.69 -14.73
N LEU A 138 25.76 -15.66 -15.35
CA LEU A 138 24.31 -15.59 -15.56
C LEU A 138 23.85 -16.78 -16.39
N LEU A 139 24.58 -17.07 -17.46
CA LEU A 139 24.23 -18.18 -18.33
C LEU A 139 24.34 -19.52 -17.61
N GLU A 140 25.37 -19.67 -16.78
CA GLU A 140 25.57 -20.91 -16.04
C GLU A 140 24.45 -21.18 -15.03
N VAL A 141 24.02 -20.14 -14.33
CA VAL A 141 23.01 -20.29 -13.29
C VAL A 141 21.60 -20.47 -13.85
N VAL A 142 21.27 -19.69 -14.88
CA VAL A 142 19.90 -19.65 -15.40
C VAL A 142 19.69 -20.60 -16.57
N ALA A 143 20.75 -20.81 -17.35
CA ALA A 143 20.72 -21.70 -18.52
C ALA A 143 19.60 -21.37 -19.51
N PRO A 144 19.51 -20.11 -19.96
CA PRO A 144 18.43 -19.75 -20.87
C PRO A 144 18.71 -20.25 -22.29
N LYS A 145 17.69 -20.25 -23.14
CA LYS A 145 17.87 -20.63 -24.54
C LYS A 145 18.44 -19.46 -25.31
N GLY A 146 18.16 -18.25 -24.83
CA GLY A 146 18.65 -17.05 -25.48
C GLY A 146 18.65 -15.84 -24.56
N VAL A 147 19.51 -14.89 -24.85
CA VAL A 147 19.56 -13.64 -24.11
C VAL A 147 19.63 -12.46 -25.08
N TYR A 148 18.72 -11.52 -24.90
CA TYR A 148 18.66 -10.34 -25.75
C TYR A 148 19.03 -9.11 -24.90
N GLU A 149 19.75 -8.17 -25.50
CA GLU A 149 20.11 -6.95 -24.79
C GLU A 149 19.40 -5.77 -25.41
N ARG A 150 18.71 -5.01 -24.57
CA ARG A 150 18.18 -3.72 -24.99
C ARG A 150 18.92 -2.64 -24.22
N SER A 151 18.90 -1.42 -24.76
CA SER A 151 19.55 -0.31 -24.12
C SER A 151 18.55 0.78 -23.73
N ASP A 152 18.67 1.24 -22.49
CA ASP A 152 18.11 2.53 -22.14
C ASP A 152 19.13 3.50 -22.70
N VAL A 153 18.93 3.89 -23.95
CA VAL A 153 19.93 4.65 -24.71
C VAL A 153 20.42 5.87 -23.94
N GLU A 154 19.49 6.59 -23.33
CA GLU A 154 19.82 7.79 -22.57
C GLU A 154 20.72 7.49 -21.38
N ALA A 155 20.36 6.47 -20.60
CA ALA A 155 21.14 6.11 -19.42
C ALA A 155 22.56 5.67 -19.80
N ARG A 156 22.67 4.90 -20.89
CA ARG A 156 23.97 4.46 -21.40
C ARG A 156 24.86 5.65 -21.72
N ARG A 157 24.29 6.64 -22.40
CA ARG A 157 25.06 7.83 -22.78
C ARG A 157 25.57 8.58 -21.54
N GLN A 158 24.74 8.66 -20.50
CA GLN A 158 25.12 9.30 -19.24
C GLN A 158 26.36 8.63 -18.66
N GLU A 159 26.50 7.33 -18.94
CA GLU A 159 27.62 6.54 -18.44
C GLU A 159 28.77 6.53 -19.43
N GLY A 160 28.66 7.32 -20.49
CA GLY A 160 29.67 7.33 -21.54
C GLY A 160 29.77 6.00 -22.23
N LEU A 161 28.62 5.36 -22.45
CA LEU A 161 28.56 4.05 -23.07
C LEU A 161 27.78 4.11 -24.38
N PRO A 162 28.16 3.25 -25.34
CA PRO A 162 27.48 3.20 -26.64
C PRO A 162 26.13 2.49 -26.53
N GLU A 163 25.31 2.60 -27.57
CA GLU A 163 24.10 1.79 -27.65
C GLU A 163 24.47 0.33 -27.87
N ARG A 164 23.80 -0.55 -27.14
CA ARG A 164 23.94 -1.98 -27.35
C ARG A 164 22.55 -2.58 -27.48
N VAL A 165 22.18 -3.05 -28.67
CA VAL A 165 20.91 -3.74 -28.85
C VAL A 165 21.15 -4.97 -29.71
N GLY A 166 20.70 -6.13 -29.23
CA GLY A 166 20.84 -7.34 -30.00
C GLY A 166 21.00 -8.59 -29.17
N VAL A 167 21.12 -9.73 -29.86
CA VAL A 167 21.29 -11.00 -29.18
C VAL A 167 22.70 -11.13 -28.64
N VAL A 168 22.83 -11.43 -27.36
CA VAL A 168 24.17 -11.61 -26.78
C VAL A 168 24.44 -13.07 -26.40
N TYR A 169 23.43 -13.92 -26.51
CA TYR A 169 23.63 -15.36 -26.33
C TYR A 169 22.51 -16.18 -26.94
N GLY A 170 22.86 -17.29 -27.57
CA GLY A 170 21.88 -18.28 -27.98
C GLY A 170 20.91 -17.81 -29.05
N GLU A 171 19.65 -18.20 -28.90
CA GLU A 171 18.61 -17.90 -29.88
C GLU A 171 17.46 -17.13 -29.25
N VAL A 172 17.14 -15.97 -29.82
CA VAL A 172 16.03 -15.16 -29.36
C VAL A 172 15.11 -14.97 -30.56
N PRO A 173 13.84 -15.37 -30.43
CA PRO A 173 12.97 -15.23 -31.60
C PRO A 173 12.70 -13.78 -31.98
N GLU A 174 12.45 -13.54 -33.26
CA GLU A 174 12.15 -12.20 -33.77
C GLU A 174 10.96 -11.62 -33.04
N VAL A 175 10.00 -12.50 -32.76
CA VAL A 175 8.79 -12.12 -32.04
C VAL A 175 8.81 -12.83 -30.70
N LEU A 176 8.91 -12.06 -29.63
CA LEU A 176 8.96 -12.62 -28.28
C LEU A 176 7.54 -12.93 -27.81
N GLU A 177 7.27 -14.21 -27.54
CA GLU A 177 5.94 -14.62 -27.09
C GLU A 177 5.88 -14.51 -25.57
N VAL A 178 5.35 -13.40 -25.08
CA VAL A 178 5.28 -13.18 -23.65
C VAL A 178 3.98 -13.74 -23.10
N GLU A 179 4.08 -14.66 -22.15
CA GLU A 179 2.91 -15.31 -21.58
C GLU A 179 2.63 -14.80 -20.18
N GLU A 180 1.37 -14.50 -19.90
CA GLU A 180 0.95 -14.08 -18.58
C GLU A 180 -0.50 -14.49 -18.33
N ASP A 181 -0.69 -15.40 -17.37
CA ASP A 181 -2.02 -15.88 -16.99
C ASP A 181 -2.93 -16.25 -18.18
N GLY A 182 -2.40 -17.03 -19.12
CA GLY A 182 -3.19 -17.52 -20.25
C GLY A 182 -3.30 -16.54 -21.40
N LEU A 183 -2.66 -15.38 -21.25
CA LEU A 183 -2.60 -14.41 -22.32
C LEU A 183 -1.23 -14.54 -22.96
N ARG A 184 -1.19 -14.47 -24.28
CA ARG A 184 0.07 -14.56 -24.99
C ARG A 184 0.20 -13.36 -25.91
N PHE A 185 1.22 -12.54 -25.67
CA PHE A 185 1.44 -11.34 -26.47
C PHE A 185 2.62 -11.55 -27.41
N PRO A 186 2.39 -11.54 -28.74
CA PRO A 186 3.49 -11.69 -29.69
C PRO A 186 4.17 -10.36 -29.96
N ILE A 187 5.25 -10.09 -29.23
CA ILE A 187 5.88 -8.78 -29.27
C ILE A 187 7.14 -8.79 -30.13
N PRO A 188 7.11 -8.09 -31.26
CA PRO A 188 8.32 -7.99 -32.09
C PRO A 188 9.39 -7.27 -31.27
N LEU A 189 10.56 -7.90 -31.10
CA LEU A 189 11.53 -7.37 -30.15
C LEU A 189 12.13 -6.05 -30.59
N ALA A 190 12.27 -5.88 -31.90
CA ALA A 190 12.88 -4.68 -32.46
C ALA A 190 12.09 -3.44 -32.09
N LEU A 191 10.78 -3.50 -32.28
CA LEU A 191 9.92 -2.35 -32.06
C LEU A 191 9.32 -2.32 -30.66
N ALA A 192 9.73 -3.27 -29.83
CA ALA A 192 9.27 -3.37 -28.44
C ALA A 192 9.79 -2.24 -27.56
N GLN A 193 9.04 -1.93 -26.50
CA GLN A 193 9.47 -0.92 -25.53
C GLN A 193 10.24 -1.56 -24.38
N LYS A 194 11.38 -0.95 -24.02
CA LYS A 194 12.19 -1.37 -22.88
C LYS A 194 12.63 -2.83 -22.99
N THR A 195 12.26 -3.66 -22.02
CA THR A 195 12.61 -5.09 -22.09
C THR A 195 11.60 -5.90 -22.92
N GLY A 196 10.57 -5.22 -23.39
CA GLY A 196 9.56 -5.85 -24.22
C GLY A 196 8.17 -5.75 -23.60
N TYR A 197 8.13 -5.71 -22.28
CA TYR A 197 6.89 -5.92 -21.55
C TYR A 197 6.99 -5.43 -20.10
N TYR A 198 5.90 -4.84 -19.59
CA TYR A 198 5.84 -4.28 -18.23
C TYR A 198 5.41 -5.33 -17.19
N LEU A 199 6.41 -6.05 -16.70
CA LEU A 199 6.17 -7.11 -15.73
C LEU A 199 5.76 -6.54 -14.39
N ASP A 200 6.11 -5.28 -14.15
CA ASP A 200 5.82 -4.65 -12.86
C ASP A 200 4.32 -4.48 -12.59
N GLN A 201 3.50 -4.55 -13.63
CA GLN A 201 2.05 -4.37 -13.45
C GLN A 201 1.30 -5.69 -13.28
N ARG A 202 2.03 -6.79 -13.16
CA ARG A 202 1.41 -8.13 -13.13
C ARG A 202 0.38 -8.28 -12.00
N GLU A 203 0.74 -7.85 -10.80
CA GLU A 203 -0.16 -8.04 -9.67
C GLU A 203 -1.38 -7.12 -9.77
N ASN A 204 -1.18 -5.91 -10.28
CA ASN A 204 -2.30 -4.99 -10.50
C ASN A 204 -3.26 -5.54 -11.55
N ARG A 205 -2.70 -6.14 -12.60
CA ARG A 205 -3.53 -6.73 -13.64
C ARG A 205 -4.38 -7.86 -13.08
N ARG A 206 -3.80 -8.66 -12.20
CA ARG A 206 -4.54 -9.73 -11.54
C ARG A 206 -5.65 -9.17 -10.66
N LEU A 207 -5.33 -8.13 -9.89
CA LEU A 207 -6.32 -7.49 -9.01
CA LEU A 207 -6.32 -7.50 -9.02
C LEU A 207 -7.46 -6.93 -9.84
N PHE A 208 -7.11 -6.25 -10.92
CA PHE A 208 -8.09 -5.66 -11.82
C PHE A 208 -9.04 -6.70 -12.42
N GLU A 209 -8.49 -7.80 -12.93
CA GLU A 209 -9.34 -8.78 -13.62
C GLU A 209 -10.42 -9.35 -12.71
N ALA A 210 -10.07 -9.52 -11.44
CA ALA A 210 -10.99 -10.07 -10.46
C ALA A 210 -12.17 -9.16 -10.16
N MET A 211 -12.07 -7.89 -10.60
CA MET A 211 -13.12 -6.91 -10.34
C MET A 211 -14.08 -6.68 -11.51
N VAL A 212 -13.72 -7.18 -12.69
CA VAL A 212 -14.52 -6.95 -13.88
C VAL A 212 -15.73 -7.88 -13.98
N ARG A 213 -16.89 -7.29 -14.23
CA ARG A 213 -18.12 -8.05 -14.44
C ARG A 213 -18.55 -7.99 -15.91
N PRO A 214 -19.23 -9.03 -16.40
CA PRO A 214 -19.67 -9.04 -17.80
C PRO A 214 -20.59 -7.86 -18.11
N GLY A 215 -20.45 -7.29 -19.30
CA GLY A 215 -21.30 -6.19 -19.71
C GLY A 215 -20.76 -4.83 -19.33
N GLU A 216 -19.75 -4.81 -18.46
CA GLU A 216 -19.15 -3.54 -18.04
C GLU A 216 -18.32 -2.94 -19.17
N ARG A 217 -18.06 -1.64 -19.08
CA ARG A 217 -17.24 -0.97 -20.07
C ARG A 217 -15.94 -0.54 -19.40
N VAL A 218 -14.82 -0.81 -20.07
CA VAL A 218 -13.51 -0.54 -19.53
C VAL A 218 -12.73 0.39 -20.46
N LEU A 219 -12.12 1.41 -19.87
CA LEU A 219 -11.24 2.31 -20.62
C LEU A 219 -9.80 2.10 -20.14
N ASP A 220 -8.96 1.53 -21.00
CA ASP A 220 -7.58 1.21 -20.64
C ASP A 220 -6.63 2.21 -21.30
N VAL A 221 -6.22 3.21 -20.55
CA VAL A 221 -5.41 4.30 -21.09
C VAL A 221 -3.92 4.06 -20.83
N TYR A 222 -3.10 4.37 -21.85
CA TYR A 222 -1.70 3.99 -21.92
C TYR A 222 -1.62 2.46 -21.84
N SER A 223 -2.30 1.81 -22.77
CA SER A 223 -2.56 0.38 -22.69
C SER A 223 -1.33 -0.47 -22.99
N TYR A 224 -0.37 0.10 -23.71
CA TYR A 224 0.69 -0.68 -24.34
C TYR A 224 0.04 -1.85 -25.06
N VAL A 225 0.56 -3.07 -24.89
CA VAL A 225 0.03 -4.21 -25.62
C VAL A 225 -1.27 -4.77 -25.05
N GLY A 226 -1.81 -4.10 -24.05
CA GLY A 226 -3.18 -4.36 -23.65
C GLY A 226 -3.41 -5.41 -22.58
N GLY A 227 -2.45 -5.57 -21.68
CA GLY A 227 -2.57 -6.47 -20.55
C GLY A 227 -3.85 -6.26 -19.75
N PHE A 228 -4.16 -5.02 -19.42
CA PHE A 228 -5.42 -4.74 -18.71
C PHE A 228 -6.64 -4.95 -19.62
N ALA A 229 -6.59 -4.39 -20.83
CA ALA A 229 -7.75 -4.42 -21.74
C ALA A 229 -8.19 -5.83 -22.08
N LEU A 230 -7.21 -6.68 -22.35
CA LEU A 230 -7.46 -8.06 -22.75
C LEU A 230 -8.10 -8.85 -21.61
N ARG A 231 -7.65 -8.61 -20.39
CA ARG A 231 -8.24 -9.26 -19.23
C ARG A 231 -9.69 -8.83 -19.05
N ALA A 232 -9.98 -7.57 -19.34
CA ALA A 232 -11.35 -7.08 -19.28
C ALA A 232 -12.23 -7.81 -20.29
N ALA A 233 -11.72 -7.95 -21.51
CA ALA A 233 -12.44 -8.64 -22.58
C ALA A 233 -12.75 -10.10 -22.24
N ARG A 234 -11.78 -10.78 -21.62
CA ARG A 234 -11.94 -12.20 -21.32
C ARG A 234 -13.01 -12.41 -20.24
N LYS A 235 -13.27 -11.36 -19.45
CA LYS A 235 -14.28 -11.40 -18.41
C LYS A 235 -15.63 -10.91 -18.92
N GLY A 236 -15.69 -10.66 -20.22
CA GLY A 236 -16.96 -10.32 -20.87
C GLY A 236 -17.30 -8.84 -20.87
N ALA A 237 -16.31 -8.00 -20.62
CA ALA A 237 -16.52 -6.56 -20.63
C ALA A 237 -16.13 -5.98 -21.99
N TYR A 238 -16.68 -4.82 -22.31
CA TYR A 238 -16.24 -4.07 -23.48
C TYR A 238 -15.02 -3.26 -23.09
N ALA A 239 -13.89 -3.46 -23.76
CA ALA A 239 -12.69 -2.68 -23.45
C ALA A 239 -12.29 -1.79 -24.62
N LEU A 240 -11.90 -0.55 -24.29
CA LEU A 240 -11.32 0.35 -25.27
C LEU A 240 -9.91 0.68 -24.82
N ALA A 241 -8.93 0.27 -25.62
CA ALA A 241 -7.52 0.50 -25.31
C ALA A 241 -7.02 1.73 -26.03
N VAL A 242 -6.34 2.61 -25.30
CA VAL A 242 -5.79 3.85 -25.88
C VAL A 242 -4.27 3.89 -25.71
N ASP A 243 -3.56 4.06 -26.80
CA ASP A 243 -2.11 4.21 -26.74
C ASP A 243 -1.65 4.94 -27.99
N LYS A 244 -0.56 5.68 -27.89
CA LYS A 244 -0.05 6.41 -29.05
C LYS A 244 0.97 5.60 -29.85
N ASP A 245 1.30 4.41 -29.35
CA ASP A 245 2.24 3.53 -30.02
C ASP A 245 1.47 2.51 -30.86
N LEU A 246 1.44 2.74 -32.17
CA LEU A 246 0.67 1.88 -33.07
C LEU A 246 1.19 0.44 -33.12
N GLU A 247 2.49 0.27 -32.96
CA GLU A 247 3.09 -1.06 -32.91
C GLU A 247 2.54 -1.87 -31.73
N ALA A 248 2.44 -1.23 -30.58
CA ALA A 248 1.94 -1.89 -29.39
C ALA A 248 0.48 -2.29 -29.58
N LEU A 249 -0.31 -1.42 -30.20
CA LEU A 249 -1.73 -1.72 -30.42
C LEU A 249 -1.87 -2.85 -31.42
N GLY A 250 -0.93 -2.96 -32.34
CA GLY A 250 -0.90 -4.09 -33.27
C GLY A 250 -0.75 -5.41 -32.54
N VAL A 251 0.09 -5.42 -31.51
CA VAL A 251 0.29 -6.63 -30.70
C VAL A 251 -1.02 -6.99 -29.98
N LEU A 252 -1.65 -5.99 -29.40
CA LEU A 252 -2.94 -6.19 -28.72
C LEU A 252 -3.94 -6.84 -29.65
N ASP A 253 -4.04 -6.32 -30.87
CA ASP A 253 -4.96 -6.87 -31.87
C ASP A 253 -4.70 -8.34 -32.13
N GLN A 254 -3.43 -8.71 -32.28
CA GLN A 254 -3.07 -10.09 -32.55
C GLN A 254 -3.37 -10.98 -31.34
N ALA A 255 -3.08 -10.47 -30.14
CA ALA A 255 -3.30 -11.22 -28.92
C ALA A 255 -4.78 -11.49 -28.73
N ALA A 256 -5.59 -10.49 -29.01
CA ALA A 256 -7.04 -10.61 -28.88
C ALA A 256 -7.58 -11.60 -29.90
N LEU A 257 -7.12 -11.47 -31.14
CA LEU A 257 -7.56 -12.34 -32.22
C LEU A 257 -7.30 -13.81 -31.93
N ARG A 258 -6.12 -14.10 -31.40
CA ARG A 258 -5.73 -15.47 -31.04
C ARG A 258 -6.74 -16.10 -30.11
N LEU A 259 -7.32 -15.28 -29.24
CA LEU A 259 -8.20 -15.75 -28.17
C LEU A 259 -9.66 -15.59 -28.53
N GLY A 260 -9.92 -15.06 -29.73
CA GLY A 260 -11.28 -14.83 -30.19
C GLY A 260 -11.99 -13.75 -29.39
N LEU A 261 -11.22 -12.80 -28.86
CA LEU A 261 -11.74 -11.74 -28.02
C LEU A 261 -11.80 -10.44 -28.78
N ARG A 262 -12.79 -9.61 -28.50
CA ARG A 262 -12.91 -8.32 -29.16
C ARG A 262 -12.49 -7.21 -28.22
N VAL A 263 -11.53 -6.40 -28.66
CA VAL A 263 -11.10 -5.23 -27.92
C VAL A 263 -11.11 -4.03 -28.87
N ASP A 264 -11.74 -2.94 -28.44
CA ASP A 264 -11.74 -1.72 -29.24
C ASP A 264 -10.44 -0.98 -29.02
N ILE A 265 -9.95 -0.34 -30.07
CA ILE A 265 -8.66 0.34 -30.00
C ILE A 265 -8.74 1.78 -30.50
N ARG A 266 -8.09 2.69 -29.79
CA ARG A 266 -7.91 4.04 -30.28
C ARG A 266 -6.42 4.35 -30.32
N HIS A 267 -5.90 4.60 -31.53
CA HIS A 267 -4.53 5.07 -31.67
C HIS A 267 -4.52 6.57 -31.51
N GLY A 268 -4.04 7.04 -30.36
CA GLY A 268 -4.06 8.44 -30.06
C GLY A 268 -3.45 8.72 -28.71
N GLU A 269 -3.25 9.99 -28.42
CA GLU A 269 -2.71 10.39 -27.13
C GLU A 269 -3.81 10.43 -26.08
N ALA A 270 -3.42 10.15 -24.84
CA ALA A 270 -4.36 9.99 -23.73
C ALA A 270 -5.28 11.17 -23.49
N LEU A 271 -4.69 12.34 -23.23
CA LEU A 271 -5.51 13.49 -22.86
C LEU A 271 -6.40 13.95 -24.03
N PRO A 272 -5.84 14.06 -25.25
CA PRO A 272 -6.73 14.38 -26.38
C PRO A 272 -7.87 13.37 -26.58
N THR A 273 -7.56 12.08 -26.45
CA THR A 273 -8.57 11.06 -26.64
C THR A 273 -9.65 11.15 -25.57
N LEU A 274 -9.25 11.28 -24.31
CA LEU A 274 -10.23 11.32 -23.23
C LEU A 274 -11.09 12.57 -23.34
N ARG A 275 -10.52 13.68 -23.85
CA ARG A 275 -11.30 14.90 -23.99
C ARG A 275 -12.43 14.73 -24.99
N GLY A 276 -12.29 13.79 -25.90
CA GLY A 276 -13.30 13.56 -26.92
C GLY A 276 -14.22 12.38 -26.66
N LEU A 277 -14.12 11.78 -25.48
CA LEU A 277 -14.99 10.66 -25.12
C LEU A 277 -16.12 11.16 -24.23
N GLU A 278 -17.29 10.54 -24.36
CA GLU A 278 -18.42 10.89 -23.52
C GLU A 278 -18.57 9.98 -22.30
N GLY A 279 -18.33 8.69 -22.49
CA GLY A 279 -18.47 7.73 -21.40
C GLY A 279 -19.92 7.40 -21.12
N PRO A 280 -20.20 6.79 -19.96
CA PRO A 280 -19.23 6.51 -18.91
C PRO A 280 -18.64 5.11 -19.02
N PHE A 281 -17.63 4.87 -18.20
CA PHE A 281 -16.98 3.56 -18.11
C PHE A 281 -16.97 3.11 -16.66
N HIS A 282 -17.12 1.81 -16.44
CA HIS A 282 -17.15 1.26 -15.09
C HIS A 282 -15.76 1.16 -14.47
N HIS A 283 -14.75 1.04 -15.34
CA HIS A 283 -13.37 1.06 -14.90
C HIS A 283 -12.56 1.95 -15.84
N VAL A 284 -11.78 2.85 -15.26
CA VAL A 284 -10.90 3.69 -16.06
C VAL A 284 -9.48 3.51 -15.52
N LEU A 285 -8.56 3.11 -16.38
CA LEU A 285 -7.19 2.81 -15.95
C LEU A 285 -6.22 3.78 -16.58
N LEU A 286 -5.39 4.40 -15.75
CA LEU A 286 -4.40 5.35 -16.24
C LEU A 286 -3.00 4.87 -15.83
N ASP A 287 -2.17 4.50 -16.80
CA ASP A 287 -0.82 4.02 -16.50
C ASP A 287 0.21 4.80 -17.30
N PRO A 288 0.40 6.08 -16.95
CA PRO A 288 1.27 6.93 -17.77
C PRO A 288 2.73 6.49 -17.74
N PRO A 289 3.53 6.95 -18.73
CA PRO A 289 4.97 6.75 -18.70
C PRO A 289 5.59 7.53 -17.53
N THR A 290 6.90 7.40 -17.34
CA THR A 290 7.60 8.04 -16.23
C THR A 290 7.16 9.48 -15.95
N LEU A 291 7.04 10.29 -17.00
CA LEU A 291 6.58 11.68 -16.92
C LEU A 291 7.54 12.61 -16.18
N VAL A 292 7.79 12.32 -14.92
CA VAL A 292 8.68 13.13 -14.11
C VAL A 292 10.06 12.48 -14.05
N LYS A 293 10.98 12.96 -14.87
CA LYS A 293 12.32 12.39 -14.92
C LYS A 293 13.28 13.12 -13.97
N ARG A 294 12.98 14.39 -13.71
CA ARG A 294 13.74 15.20 -12.75
C ARG A 294 12.76 15.89 -11.82
N PRO A 295 13.16 16.09 -10.55
CA PRO A 295 12.26 16.68 -9.56
C PRO A 295 11.65 18.02 -9.98
N GLU A 296 12.41 18.82 -10.72
CA GLU A 296 11.94 20.13 -11.19
C GLU A 296 10.70 20.03 -12.06
N GLU A 297 10.46 18.85 -12.64
CA GLU A 297 9.35 18.67 -13.57
C GLU A 297 8.05 18.26 -12.89
N LEU A 298 8.13 17.99 -11.58
CA LEU A 298 6.99 17.49 -10.84
C LEU A 298 5.74 18.39 -10.91
N PRO A 299 5.90 19.70 -10.67
CA PRO A 299 4.67 20.52 -10.67
C PRO A 299 3.96 20.56 -12.02
N ALA A 300 4.72 20.64 -13.11
CA ALA A 300 4.09 20.68 -14.44
C ALA A 300 3.40 19.35 -14.74
N MET A 301 4.01 18.25 -14.33
CA MET A 301 3.41 16.94 -14.59
C MET A 301 2.16 16.73 -13.74
N LYS A 302 2.17 17.27 -12.53
CA LYS A 302 0.96 17.21 -11.70
C LYS A 302 -0.20 18.04 -12.31
N ARG A 303 0.12 19.18 -12.91
CA ARG A 303 -0.89 19.95 -13.63
C ARG A 303 -1.46 19.14 -14.78
N HIS A 304 -0.58 18.47 -15.52
CA HIS A 304 -1.03 17.60 -16.61
C HIS A 304 -1.90 16.45 -16.08
N LEU A 305 -1.48 15.84 -14.99
CA LEU A 305 -2.25 14.74 -14.41
C LEU A 305 -3.62 15.18 -13.91
N VAL A 306 -3.71 16.39 -13.37
CA VAL A 306 -5.01 16.94 -12.98
C VAL A 306 -5.93 17.01 -14.19
N ASP A 307 -5.40 17.48 -15.33
CA ASP A 307 -6.19 17.55 -16.56
C ASP A 307 -6.65 16.15 -16.97
N LEU A 308 -5.71 15.20 -16.94
CA LEU A 308 -6.02 13.82 -17.33
C LEU A 308 -7.05 13.19 -16.40
N VAL A 309 -6.83 13.35 -15.09
CA VAL A 309 -7.70 12.70 -14.10
C VAL A 309 -9.08 13.34 -14.08
N ARG A 310 -9.14 14.64 -14.36
CA ARG A 310 -10.43 15.30 -14.46
C ARG A 310 -11.27 14.67 -15.57
N GLU A 311 -10.65 14.42 -16.73
CA GLU A 311 -11.37 13.78 -17.82
C GLU A 311 -11.73 12.35 -17.44
N ALA A 312 -10.78 11.64 -16.84
CA ALA A 312 -11.03 10.25 -16.46
C ALA A 312 -12.19 10.12 -15.49
N LEU A 313 -12.25 11.04 -14.53
CA LEU A 313 -13.31 11.01 -13.53
CA LEU A 313 -13.31 11.02 -13.53
C LEU A 313 -14.66 11.36 -14.16
N ARG A 314 -14.66 12.36 -15.05
CA ARG A 314 -15.86 12.69 -15.80
C ARG A 314 -16.39 11.46 -16.54
N LEU A 315 -15.46 10.64 -17.02
CA LEU A 315 -15.81 9.43 -17.78
C LEU A 315 -16.14 8.23 -16.89
N LEU A 316 -16.05 8.42 -15.58
CA LEU A 316 -16.25 7.31 -14.65
C LEU A 316 -17.73 7.14 -14.25
N ALA A 317 -18.26 5.95 -14.50
CA ALA A 317 -19.63 5.62 -14.13
C ALA A 317 -19.85 5.73 -12.62
N GLU A 318 -21.11 5.84 -12.20
CA GLU A 318 -21.42 5.79 -10.78
C GLU A 318 -20.88 4.50 -10.16
N GLU A 319 -20.20 4.64 -9.02
CA GLU A 319 -19.58 3.53 -8.30
C GLU A 319 -18.48 2.81 -9.11
N GLY A 320 -17.98 3.49 -10.13
CA GLY A 320 -16.88 2.97 -10.94
C GLY A 320 -15.52 3.05 -10.26
N PHE A 321 -14.53 2.39 -10.86
CA PHE A 321 -13.17 2.38 -10.33
C PHE A 321 -12.19 3.10 -11.24
N LEU A 322 -11.36 3.95 -10.63
CA LEU A 322 -10.35 4.69 -11.38
C LEU A 322 -8.98 4.26 -10.87
N TRP A 323 -8.11 3.80 -11.77
CA TRP A 323 -6.77 3.38 -11.40
C TRP A 323 -5.79 4.42 -11.88
N LEU A 324 -4.94 4.90 -10.99
CA LEU A 324 -3.92 5.88 -11.37
C LEU A 324 -2.56 5.43 -10.90
N SER A 325 -1.66 5.12 -11.84
CA SER A 325 -0.33 4.65 -11.47
C SER A 325 0.71 5.73 -11.73
N SER A 326 1.76 5.70 -10.94
CA SER A 326 2.95 6.48 -11.24
C SER A 326 4.13 5.52 -11.25
N CYS A 327 4.98 5.62 -12.26
CA CYS A 327 6.19 4.79 -12.31
C CYS A 327 7.45 5.64 -12.18
N SER A 328 7.29 6.83 -11.61
CA SER A 328 8.44 7.67 -11.26
C SER A 328 8.67 7.77 -9.77
N TYR A 329 9.93 7.58 -9.36
CA TYR A 329 10.32 7.75 -7.97
C TYR A 329 9.93 9.14 -7.45
N HIS A 330 9.93 10.12 -8.36
CA HIS A 330 9.71 11.51 -7.98
C HIS A 330 8.23 11.83 -7.80
N LEU A 331 7.37 10.94 -8.29
CA LEU A 331 5.93 11.15 -8.23
C LEU A 331 5.34 10.18 -7.21
N ARG A 332 5.06 10.68 -6.01
CA ARG A 332 4.69 9.83 -4.88
C ARG A 332 3.18 9.65 -4.69
N LEU A 333 2.81 8.73 -3.81
CA LEU A 333 1.40 8.49 -3.50
C LEU A 333 0.73 9.79 -3.10
N GLU A 334 1.39 10.56 -2.26
CA GLU A 334 0.81 11.83 -1.79
C GLU A 334 0.52 12.78 -2.96
N ASP A 335 1.36 12.72 -4.00
CA ASP A 335 1.12 13.51 -5.20
C ASP A 335 -0.10 13.01 -5.95
N LEU A 336 -0.25 11.69 -6.02
CA LEU A 336 -1.42 11.11 -6.67
C LEU A 336 -2.68 11.47 -5.92
N LEU A 337 -2.62 11.44 -4.59
CA LEU A 337 -3.79 11.80 -3.79
C LEU A 337 -4.18 13.25 -4.02
N GLU A 338 -3.17 14.11 -4.11
CA GLU A 338 -3.41 15.54 -4.32
C GLU A 338 -4.08 15.80 -5.67
N VAL A 339 -3.57 15.11 -6.70
CA VAL A 339 -4.13 15.23 -8.05
C VAL A 339 -5.58 14.78 -8.06
N ALA A 340 -5.84 13.64 -7.42
CA ALA A 340 -7.20 13.09 -7.36
C ALA A 340 -8.15 14.02 -6.64
N ARG A 341 -7.70 14.57 -5.53
CA ARG A 341 -8.53 15.50 -4.75
C ARG A 341 -8.90 16.73 -5.57
N ARG A 342 -7.94 17.27 -6.30
CA ARG A 342 -8.18 18.45 -7.12
C ARG A 342 -9.19 18.14 -8.22
N ALA A 343 -8.99 17.02 -8.91
CA ALA A 343 -9.89 16.64 -9.98
C ALA A 343 -11.30 16.38 -9.46
N ALA A 344 -11.40 15.70 -8.32
CA ALA A 344 -12.70 15.40 -7.74
C ALA A 344 -13.42 16.67 -7.31
N ALA A 345 -12.67 17.62 -6.78
CA ALA A 345 -13.24 18.90 -6.37
C ALA A 345 -13.80 19.69 -7.56
N ASP A 346 -13.09 19.65 -8.69
CA ASP A 346 -13.52 20.31 -9.91
C ASP A 346 -14.86 19.78 -10.41
N LEU A 347 -15.09 18.49 -10.21
CA LEU A 347 -16.29 17.83 -10.72
C LEU A 347 -17.39 17.62 -9.69
N GLY A 348 -17.09 17.88 -8.42
CA GLY A 348 -18.04 17.64 -7.35
C GLY A 348 -18.26 16.16 -7.07
N ARG A 349 -17.21 15.35 -7.21
CA ARG A 349 -17.33 13.91 -7.02
C ARG A 349 -16.75 13.50 -5.68
N ARG A 350 -17.34 12.46 -5.07
CA ARG A 350 -16.87 11.93 -3.80
C ARG A 350 -16.28 10.55 -4.04
N LEU A 351 -15.01 10.40 -3.69
CA LEU A 351 -14.28 9.17 -3.95
C LEU A 351 -13.76 8.51 -2.68
N ARG A 352 -13.66 7.18 -2.73
CA ARG A 352 -13.06 6.39 -1.65
C ARG A 352 -11.73 5.80 -2.16
N VAL A 353 -10.75 5.71 -1.27
CA VAL A 353 -9.49 5.06 -1.67
C VAL A 353 -9.68 3.56 -1.51
N HIS A 354 -9.83 2.87 -2.63
CA HIS A 354 -10.12 1.45 -2.61
C HIS A 354 -8.89 0.62 -2.31
N ARG A 355 -7.78 0.94 -2.97
CA ARG A 355 -6.53 0.22 -2.74
C ARG A 355 -5.36 1.12 -3.07
N VAL A 356 -4.26 0.95 -2.34
CA VAL A 356 -2.99 1.48 -2.78
C VAL A 356 -2.07 0.29 -2.92
N THR A 357 -1.41 0.17 -4.07
CA THR A 357 -0.47 -0.93 -4.27
C THR A 357 0.89 -0.41 -4.67
N TYR A 358 1.87 -1.29 -4.48
CA TYR A 358 3.26 -0.99 -4.82
C TYR A 358 3.78 -2.09 -5.73
N GLN A 359 4.95 -1.88 -6.32
CA GLN A 359 5.50 -2.83 -7.27
C GLN A 359 5.68 -4.23 -6.64
N PRO A 360 5.58 -5.29 -7.47
CA PRO A 360 5.62 -6.67 -6.97
C PRO A 360 7.01 -7.12 -6.56
N GLU A 361 7.03 -8.28 -5.91
CA GLU A 361 8.20 -8.83 -5.23
C GLU A 361 9.42 -8.98 -6.13
N ASP A 362 9.18 -9.25 -7.42
CA ASP A 362 10.28 -9.43 -8.37
C ASP A 362 10.94 -8.11 -8.78
N HIS A 363 10.34 -7.00 -8.35
CA HIS A 363 10.91 -5.68 -8.47
C HIS A 363 11.12 -5.18 -7.05
N PRO A 364 12.12 -5.76 -6.35
CA PRO A 364 12.24 -5.53 -4.90
C PRO A 364 12.45 -4.08 -4.50
N TRP A 365 11.71 -3.69 -3.47
CA TRP A 365 11.84 -2.39 -2.82
C TRP A 365 12.75 -2.58 -1.61
N SER A 366 14.00 -2.15 -1.72
CA SER A 366 14.94 -2.30 -0.61
C SER A 366 14.71 -1.18 0.38
N LEU A 367 14.65 -1.51 1.67
CA LEU A 367 14.50 -0.50 2.70
C LEU A 367 15.63 0.52 2.63
N HIS A 368 16.79 0.08 2.13
CA HIS A 368 18.01 0.87 2.18
C HIS A 368 18.28 1.66 0.91
N ILE A 369 17.42 1.48 -0.09
CA ILE A 369 17.56 2.12 -1.39
C ILE A 369 16.21 2.68 -1.85
N PRO A 370 15.90 3.92 -1.48
CA PRO A 370 14.60 4.54 -1.79
C PRO A 370 14.20 4.43 -3.24
N GLU A 371 15.14 4.64 -4.16
CA GLU A 371 14.82 4.68 -5.57
C GLU A 371 14.58 3.30 -6.21
N SER A 372 14.70 2.24 -5.42
CA SER A 372 14.37 0.90 -5.89
C SER A 372 12.86 0.79 -6.06
N LEU A 373 12.13 1.63 -5.36
CA LEU A 373 10.69 1.75 -5.51
C LEU A 373 10.37 2.88 -6.47
N TYR A 374 9.72 2.55 -7.58
CA TYR A 374 9.35 3.58 -8.53
C TYR A 374 7.86 3.51 -8.87
N LEU A 375 7.25 2.33 -8.74
CA LEU A 375 5.85 2.16 -9.12
C LEU A 375 4.89 2.06 -7.94
N LYS A 376 3.84 2.88 -7.96
CA LYS A 376 2.78 2.78 -6.96
C LYS A 376 1.48 3.17 -7.64
N THR A 377 0.37 2.63 -7.14
CA THR A 377 -0.90 2.79 -7.82
C THR A 377 -1.97 3.17 -6.82
N LEU A 378 -2.76 4.17 -7.19
CA LEU A 378 -3.89 4.59 -6.37
C LEU A 378 -5.15 4.09 -7.07
N VAL A 379 -5.94 3.26 -6.39
CA VAL A 379 -7.21 2.81 -6.97
C VAL A 379 -8.36 3.46 -6.21
N LEU A 380 -9.20 4.21 -6.92
CA LEU A 380 -10.30 4.96 -6.30
C LEU A 380 -11.62 4.35 -6.71
N GLN A 381 -12.61 4.35 -5.82
CA GLN A 381 -13.98 4.04 -6.25
C GLN A 381 -14.86 5.25 -6.04
N ASP A 382 -15.68 5.55 -7.04
CA ASP A 382 -16.71 6.56 -6.89
C ASP A 382 -17.61 6.15 -5.71
N ASP A 383 -17.85 7.09 -4.79
CA ASP A 383 -18.42 6.76 -3.49
C ASP A 383 -19.50 7.77 -3.09
N PRO A 384 -20.58 7.86 -3.87
CA PRO A 384 -21.59 8.86 -3.51
C PRO A 384 -22.33 8.47 -2.23
N LEU A 385 -22.78 9.47 -1.48
CA LEU A 385 -23.58 9.23 -0.28
C LEU A 385 -25.06 9.25 -0.63
N MET B 1 -45.49 26.51 12.58
CA MET B 1 -45.65 25.39 13.50
C MET B 1 -44.36 25.02 14.20
N LEU B 2 -43.26 25.03 13.44
CA LEU B 2 -41.96 24.71 14.01
C LEU B 2 -41.18 25.99 14.25
N GLY B 3 -40.15 25.88 15.08
CA GLY B 3 -39.23 27.00 15.29
C GLY B 3 -38.55 27.32 13.97
N PRO B 4 -37.95 28.51 13.88
CA PRO B 4 -37.26 28.86 12.63
C PRO B 4 -36.13 27.87 12.35
N VAL B 5 -35.87 27.61 11.08
CA VAL B 5 -34.82 26.66 10.73
C VAL B 5 -33.48 27.12 11.28
N LEU B 6 -32.74 26.18 11.86
CA LEU B 6 -31.40 26.50 12.35
C LEU B 6 -30.48 26.61 11.15
N ARG B 7 -29.80 27.75 11.05
CA ARG B 7 -28.97 28.04 9.88
C ARG B 7 -27.60 28.55 10.29
N LEU B 8 -26.56 27.92 9.77
CA LEU B 8 -25.19 28.31 10.03
C LEU B 8 -24.60 28.93 8.77
N VAL B 9 -23.94 30.07 8.93
CA VAL B 9 -23.24 30.70 7.82
C VAL B 9 -21.73 30.50 7.93
N VAL B 10 -21.14 29.94 6.87
CA VAL B 10 -19.71 29.64 6.85
C VAL B 10 -18.92 30.85 6.35
N LYS B 11 -17.78 31.11 6.98
CA LYS B 11 -16.89 32.18 6.55
C LYS B 11 -16.55 32.05 5.07
N ALA B 12 -16.47 33.18 4.38
CA ALA B 12 -16.09 33.20 2.97
C ALA B 12 -14.70 32.60 2.79
N GLY B 13 -14.61 31.61 1.91
CA GLY B 13 -13.34 30.97 1.62
C GLY B 13 -13.10 29.71 2.42
N LYS B 14 -13.97 29.44 3.39
CA LYS B 14 -13.85 28.24 4.21
C LYS B 14 -14.92 27.21 3.87
N GLU B 15 -15.72 27.50 2.85
CA GLU B 15 -16.81 26.60 2.46
C GLU B 15 -16.33 25.49 1.54
N ARG B 16 -15.12 25.64 1.00
CA ARG B 16 -14.59 24.69 0.03
C ARG B 16 -14.46 23.27 0.60
N LYS B 17 -14.09 23.16 1.88
CA LYS B 17 -13.95 21.85 2.50
C LYS B 17 -15.28 21.10 2.52
N LEU B 18 -16.35 21.79 2.91
CA LEU B 18 -17.69 21.20 2.92
C LEU B 18 -18.15 20.82 1.51
N ARG B 19 -17.90 21.71 0.55
CA ARG B 19 -18.24 21.43 -0.84
C ARG B 19 -17.47 20.20 -1.33
N ASN B 20 -16.29 19.99 -0.78
CA ASN B 20 -15.47 18.84 -1.13
C ASN B 20 -15.60 17.66 -0.15
N PHE B 21 -16.74 17.60 0.54
CA PHE B 21 -17.14 16.45 1.34
C PHE B 21 -16.32 16.20 2.62
N TYR B 22 -15.66 17.24 3.12
CA TYR B 22 -15.11 17.17 4.46
C TYR B 22 -16.17 17.67 5.43
N PRO B 23 -16.62 16.82 6.37
CA PRO B 23 -17.84 17.10 7.14
C PRO B 23 -17.70 18.04 8.34
N ASN B 24 -16.47 18.32 8.76
CA ASN B 24 -16.28 19.06 10.00
C ASN B 24 -15.99 20.54 9.82
N LEU B 25 -16.73 21.36 10.56
CA LEU B 25 -16.48 22.79 10.62
C LEU B 25 -16.13 23.18 12.04
N TYR B 26 -15.03 23.91 12.22
CA TYR B 26 -14.64 24.34 13.54
C TYR B 26 -15.08 25.77 13.79
N ARG B 27 -14.90 26.24 15.03
CA ARG B 27 -15.42 27.53 15.47
C ARG B 27 -15.00 28.70 14.59
N ASP B 28 -13.73 28.73 14.21
CA ASP B 28 -13.16 29.87 13.51
C ASP B 28 -13.59 29.95 12.05
N GLU B 29 -14.31 28.94 11.59
CA GLU B 29 -14.74 28.89 10.20
C GLU B 29 -16.21 29.23 10.07
N ILE B 30 -16.85 29.52 11.20
CA ILE B 30 -18.27 29.86 11.20
C ILE B 30 -18.48 31.37 11.30
N ALA B 31 -19.04 31.97 10.26
CA ALA B 31 -19.31 33.40 10.26
C ALA B 31 -20.47 33.72 11.19
N ALA B 32 -21.55 32.94 11.10
CA ALA B 32 -22.70 33.12 11.95
C ALA B 32 -23.30 31.78 12.36
N PRO B 33 -23.26 31.46 13.65
CA PRO B 33 -23.80 30.22 14.21
C PRO B 33 -25.32 30.21 14.17
N PRO B 34 -25.93 29.01 14.22
CA PRO B 34 -27.39 28.88 14.29
C PRO B 34 -27.95 29.47 15.59
N GLU B 35 -29.24 29.75 15.61
CA GLU B 35 -29.88 30.36 16.79
C GLU B 35 -30.28 29.29 17.81
N GLY B 36 -29.41 28.30 18.00
CA GLY B 36 -29.69 27.22 18.93
C GLY B 36 -28.88 25.98 18.63
N VAL B 37 -29.16 24.91 19.38
CA VAL B 37 -28.48 23.63 19.22
C VAL B 37 -29.39 22.63 18.53
N GLY B 38 -28.84 21.84 17.60
CA GLY B 38 -29.62 20.80 16.95
C GLY B 38 -29.32 20.66 15.48
N VAL B 39 -30.25 20.05 14.75
CA VAL B 39 -30.10 19.86 13.30
C VAL B 39 -30.10 21.20 12.59
N ALA B 40 -29.06 21.46 11.80
CA ALA B 40 -28.88 22.76 11.18
C ALA B 40 -28.43 22.66 9.73
N GLU B 41 -28.79 23.68 8.98
CA GLU B 41 -28.38 23.81 7.58
C GLU B 41 -27.17 24.73 7.54
N ALA B 42 -26.12 24.32 6.83
CA ALA B 42 -24.97 25.19 6.61
C ALA B 42 -25.03 25.80 5.21
N VAL B 43 -24.80 27.11 5.13
CA VAL B 43 -24.77 27.80 3.84
C VAL B 43 -23.49 28.61 3.70
N ASP B 44 -23.09 28.94 2.48
CA ASP B 44 -21.89 29.75 2.30
C ASP B 44 -22.17 31.23 2.50
N ALA B 45 -21.15 32.06 2.32
CA ALA B 45 -21.27 33.51 2.50
C ALA B 45 -22.38 34.12 1.65
N GLU B 46 -22.62 33.56 0.49
CA GLU B 46 -23.64 34.06 -0.42
C GLU B 46 -24.97 33.32 -0.24
N GLY B 47 -25.07 32.53 0.82
CA GLY B 47 -26.32 31.88 1.18
C GLY B 47 -26.66 30.61 0.43
N HIS B 48 -25.70 30.08 -0.32
CA HIS B 48 -25.94 28.85 -1.07
C HIS B 48 -25.78 27.63 -0.17
N PHE B 49 -26.64 26.64 -0.38
CA PHE B 49 -26.64 25.42 0.44
C PHE B 49 -25.29 24.69 0.43
N LEU B 50 -24.86 24.23 1.60
CA LEU B 50 -23.64 23.42 1.68
C LEU B 50 -23.90 22.04 2.29
N ALA B 51 -24.66 22.00 3.38
CA ALA B 51 -24.87 20.75 4.09
C ALA B 51 -26.00 20.84 5.12
N VAL B 52 -26.50 19.68 5.53
CA VAL B 52 -27.33 19.58 6.72
C VAL B 52 -26.58 18.71 7.73
N GLY B 53 -26.54 19.15 8.99
CA GLY B 53 -25.80 18.42 10.00
C GLY B 53 -26.23 18.79 11.39
N TYR B 54 -25.34 18.60 12.36
CA TYR B 54 -25.67 18.89 13.74
C TYR B 54 -24.77 19.98 14.31
N TYR B 55 -25.39 21.03 14.83
CA TYR B 55 -24.65 22.09 15.49
C TYR B 55 -24.77 22.01 17.00
N ASP B 56 -23.62 22.01 17.67
CA ASP B 56 -23.55 21.93 19.12
C ASP B 56 -22.15 22.36 19.56
N PRO B 57 -22.04 23.55 20.19
CA PRO B 57 -20.75 24.10 20.61
C PRO B 57 -20.06 23.22 21.65
N ARG B 58 -20.81 22.36 22.31
CA ARG B 58 -20.25 21.45 23.32
C ARG B 58 -19.52 20.27 22.69
N SER B 59 -19.78 20.03 21.41
CA SER B 59 -19.09 18.95 20.70
C SER B 59 -17.68 19.39 20.33
N ARG B 60 -16.77 18.43 20.18
CA ARG B 60 -15.40 18.74 19.80
C ARG B 60 -15.35 19.46 18.46
N VAL B 61 -16.28 19.08 17.59
CA VAL B 61 -16.48 19.77 16.32
C VAL B 61 -17.87 20.38 16.39
N PRO B 62 -17.95 21.72 16.33
CA PRO B 62 -19.21 22.46 16.52
C PRO B 62 -20.26 22.10 15.47
N PHE B 63 -19.83 21.91 14.23
CA PHE B 63 -20.76 21.48 13.19
C PHE B 63 -20.23 20.25 12.49
N ARG B 64 -21.00 19.18 12.49
CA ARG B 64 -20.65 18.00 11.72
C ARG B 64 -21.70 17.80 10.65
N ALA B 65 -21.31 17.82 9.39
CA ALA B 65 -22.24 17.58 8.30
C ALA B 65 -22.65 16.12 8.21
N PHE B 66 -23.96 15.85 8.19
CA PHE B 66 -24.48 14.50 8.03
C PHE B 66 -24.77 14.21 6.55
N ARG B 67 -25.29 15.21 5.85
CA ARG B 67 -25.59 15.07 4.42
C ARG B 67 -25.17 16.33 3.65
N PHE B 68 -24.81 16.14 2.38
CA PHE B 68 -24.34 17.24 1.55
C PHE B 68 -25.37 17.64 0.49
N ASP B 69 -26.60 17.20 0.70
CA ASP B 69 -27.73 17.59 -0.14
C ASP B 69 -28.86 17.98 0.81
N PRO B 70 -29.79 18.83 0.33
CA PRO B 70 -30.88 19.28 1.21
C PRO B 70 -31.76 18.12 1.70
N GLY B 71 -32.29 18.28 2.90
CA GLY B 71 -33.21 17.29 3.44
C GLY B 71 -33.07 17.14 4.93
N PRO B 72 -34.01 16.42 5.55
CA PRO B 72 -34.03 16.24 7.01
C PRO B 72 -33.09 15.12 7.44
N LEU B 73 -32.80 15.05 8.74
CA LEU B 73 -32.07 13.91 9.27
C LEU B 73 -33.11 13.00 9.93
N ASN B 74 -34.05 12.51 9.12
CA ASN B 74 -35.16 11.70 9.63
C ASN B 74 -34.91 10.20 9.51
N ARG B 75 -35.92 9.41 9.88
CA ARG B 75 -35.84 7.96 9.83
C ARG B 75 -35.44 7.45 8.44
N ALA B 76 -36.13 7.96 7.40
CA ALA B 76 -35.85 7.53 6.04
C ALA B 76 -34.41 7.85 5.62
N PHE B 77 -33.92 9.03 6.01
CA PHE B 77 -32.53 9.40 5.73
C PHE B 77 -31.56 8.37 6.31
N PHE B 78 -31.76 8.03 7.59
CA PHE B 78 -30.91 7.03 8.23
C PHE B 78 -31.12 5.64 7.62
N GLN B 79 -32.34 5.30 7.25
CA GLN B 79 -32.58 4.04 6.57
C GLN B 79 -31.71 3.93 5.32
N GLY B 80 -31.66 5.00 4.54
CA GLY B 80 -30.88 5.01 3.31
C GLY B 80 -29.39 4.90 3.59
N ARG B 81 -28.93 5.58 4.63
CA ARG B 81 -27.51 5.49 5.02
C ARG B 81 -27.13 4.06 5.45
N PHE B 82 -28.02 3.39 6.17
CA PHE B 82 -27.69 2.04 6.63
C PHE B 82 -27.82 1.05 5.48
N ALA B 83 -28.75 1.30 4.57
CA ALA B 83 -28.89 0.47 3.38
C ALA B 83 -27.62 0.58 2.54
N ARG B 84 -27.10 1.79 2.38
CA ARG B 84 -25.85 1.98 1.65
C ARG B 84 -24.73 1.23 2.35
N ALA B 85 -24.63 1.40 3.67
CA ALA B 85 -23.58 0.74 4.44
C ALA B 85 -23.62 -0.79 4.28
N LEU B 86 -24.82 -1.35 4.39
CA LEU B 86 -25.01 -2.80 4.24
C LEU B 86 -24.54 -3.29 2.88
N ARG B 87 -24.94 -2.56 1.84
CA ARG B 87 -24.59 -2.90 0.46
C ARG B 87 -23.08 -2.86 0.23
N ARG B 88 -22.41 -1.90 0.85
CA ARG B 88 -20.97 -1.75 0.75
C ARG B 88 -20.22 -2.95 1.36
N ARG B 89 -20.88 -3.66 2.26
CA ARG B 89 -20.24 -4.78 2.95
C ARG B 89 -20.66 -6.15 2.45
N GLN B 90 -21.37 -6.20 1.33
CA GLN B 90 -21.74 -7.47 0.71
C GLN B 90 -20.48 -8.27 0.38
N GLY B 91 -20.50 -9.56 0.70
CA GLY B 91 -19.39 -10.43 0.40
C GLY B 91 -18.20 -10.29 1.33
N LEU B 92 -18.36 -9.51 2.40
CA LEU B 92 -17.30 -9.34 3.38
C LEU B 92 -17.46 -10.28 4.56
N GLY B 93 -18.10 -11.43 4.32
CA GLY B 93 -18.28 -12.42 5.37
C GLY B 93 -19.30 -11.98 6.41
N GLU B 94 -19.19 -12.56 7.60
CA GLU B 94 -20.16 -12.31 8.67
C GLU B 94 -19.61 -11.37 9.73
N SER B 95 -18.29 -11.35 9.90
CA SER B 95 -17.66 -10.48 10.87
C SER B 95 -16.96 -9.32 10.19
N HIS B 96 -17.54 -8.13 10.28
CA HIS B 96 -16.97 -6.96 9.61
C HIS B 96 -17.55 -5.69 10.20
N ARG B 97 -16.87 -4.57 9.96
CA ARG B 97 -17.45 -3.28 10.35
C ARG B 97 -18.51 -2.88 9.35
N LEU B 98 -19.69 -2.49 9.85
CA LEU B 98 -20.80 -2.10 9.00
C LEU B 98 -20.83 -0.59 8.81
N VAL B 99 -20.53 0.15 9.88
CA VAL B 99 -20.53 1.62 9.83
C VAL B 99 -19.25 2.18 10.43
N HIS B 100 -18.52 2.94 9.64
CA HIS B 100 -17.24 3.52 10.03
C HIS B 100 -17.36 5.05 10.01
N GLY B 101 -18.27 5.56 10.84
CA GLY B 101 -18.42 6.99 11.05
C GLY B 101 -18.60 7.88 9.82
N GLU B 102 -17.91 9.01 9.85
CA GLU B 102 -17.98 10.04 8.80
CA GLU B 102 -18.05 10.02 8.79
C GLU B 102 -17.74 9.51 7.39
N ALA B 103 -16.85 8.52 7.26
CA ALA B 103 -16.57 7.96 5.94
C ALA B 103 -17.79 7.30 5.33
N ASP B 104 -18.72 6.86 6.19
CA ASP B 104 -19.98 6.28 5.76
C ASP B 104 -21.14 7.27 5.86
N GLY B 105 -20.81 8.55 5.95
CA GLY B 105 -21.81 9.60 6.03
C GLY B 105 -22.61 9.58 7.31
N LEU B 106 -22.01 9.05 8.38
CA LEU B 106 -22.68 8.94 9.68
C LEU B 106 -21.73 9.33 10.81
N PRO B 107 -21.52 10.65 10.97
CA PRO B 107 -20.51 11.19 11.89
C PRO B 107 -20.72 10.78 13.35
N GLY B 108 -19.75 10.10 13.93
CA GLY B 108 -19.83 9.73 15.34
C GLY B 108 -20.47 8.38 15.62
N LEU B 109 -20.74 7.60 14.58
CA LEU B 109 -21.35 6.29 14.78
C LEU B 109 -20.45 5.19 14.25
N VAL B 110 -20.15 4.21 15.09
CA VAL B 110 -19.42 3.02 14.67
C VAL B 110 -20.31 1.83 14.94
N VAL B 111 -20.49 0.98 13.94
CA VAL B 111 -21.24 -0.26 14.11
C VAL B 111 -20.46 -1.44 13.57
N ASP B 112 -20.21 -2.41 14.45
CA ASP B 112 -19.51 -3.62 14.03
C ASP B 112 -20.50 -4.77 14.02
N ARG B 113 -20.33 -5.68 13.06
CA ARG B 113 -21.24 -6.80 12.91
C ARG B 113 -20.53 -8.11 13.20
N PHE B 114 -21.05 -8.86 14.17
CA PHE B 114 -20.54 -10.20 14.45
C PHE B 114 -21.68 -11.20 14.31
N GLY B 115 -21.81 -11.78 13.13
CA GLY B 115 -22.92 -12.66 12.85
C GLY B 115 -24.21 -11.87 12.91
N GLU B 116 -25.10 -12.28 13.81
CA GLU B 116 -26.38 -11.59 13.96
C GLU B 116 -26.40 -10.62 15.13
N VAL B 117 -25.22 -10.33 15.66
CA VAL B 117 -25.10 -9.37 16.76
C VAL B 117 -24.35 -8.13 16.30
N LEU B 118 -24.91 -6.95 16.60
CA LEU B 118 -24.21 -5.70 16.34
C LEU B 118 -23.62 -5.15 17.62
N VAL B 119 -22.41 -4.60 17.53
CA VAL B 119 -21.83 -3.86 18.63
C VAL B 119 -21.56 -2.45 18.15
N LEU B 120 -22.15 -1.47 18.80
CA LEU B 120 -21.97 -0.11 18.34
C LEU B 120 -21.40 0.84 19.37
N GLN B 121 -20.95 1.99 18.88
CA GLN B 121 -20.34 3.03 19.70
C GLN B 121 -20.87 4.35 19.19
N VAL B 122 -21.28 5.23 20.09
CA VAL B 122 -21.76 6.56 19.72
C VAL B 122 -20.75 7.57 20.23
N ARG B 123 -20.13 8.33 19.32
CA ARG B 123 -18.97 9.13 19.68
C ARG B 123 -19.16 10.64 19.64
N SER B 124 -20.33 11.10 19.20
CA SER B 124 -20.54 12.53 19.01
C SER B 124 -21.93 12.94 19.50
N ARG B 125 -22.06 14.22 19.86
CA ARG B 125 -23.30 14.72 20.42
C ARG B 125 -24.49 14.63 19.46
N GLY B 126 -24.23 14.87 18.18
CA GLY B 126 -25.29 14.81 17.18
C GLY B 126 -25.88 13.44 17.05
N MET B 127 -25.02 12.42 16.96
CA MET B 127 -25.48 11.06 16.80
C MET B 127 -26.21 10.58 18.06
N GLU B 128 -25.75 11.04 19.22
CA GLU B 128 -26.41 10.70 20.49
C GLU B 128 -27.81 11.31 20.54
N ALA B 129 -27.92 12.57 20.11
CA ALA B 129 -29.20 13.26 20.14
C ALA B 129 -30.21 12.68 19.14
N LEU B 130 -29.69 12.06 18.08
CA LEU B 130 -30.54 11.52 17.03
C LEU B 130 -30.83 10.04 17.20
N ARG B 131 -30.37 9.49 18.33
CA ARG B 131 -30.52 8.07 18.64
C ARG B 131 -31.93 7.53 18.42
N GLU B 132 -32.93 8.27 18.90
CA GLU B 132 -34.32 7.84 18.79
C GLU B 132 -34.76 7.73 17.32
N VAL B 133 -34.05 8.43 16.44
CA VAL B 133 -34.35 8.39 15.02
C VAL B 133 -33.58 7.29 14.28
N TRP B 134 -32.26 7.18 14.52
CA TRP B 134 -31.47 6.27 13.71
C TRP B 134 -31.50 4.81 14.17
N LEU B 135 -31.69 4.58 15.46
CA LEU B 135 -31.70 3.21 15.95
C LEU B 135 -32.79 2.34 15.32
N PRO B 136 -34.05 2.81 15.27
CA PRO B 136 -35.06 2.00 14.60
C PRO B 136 -34.72 1.75 13.14
N ALA B 137 -34.12 2.74 12.49
CA ALA B 137 -33.68 2.58 11.10
C ALA B 137 -32.62 1.49 10.99
N LEU B 138 -31.67 1.48 11.91
CA LEU B 138 -30.62 0.47 11.89
C LEU B 138 -31.22 -0.92 12.06
N LEU B 139 -32.10 -1.06 13.04
CA LEU B 139 -32.75 -2.33 13.32
C LEU B 139 -33.57 -2.83 12.13
N GLU B 140 -34.23 -1.90 11.44
CA GLU B 140 -35.07 -2.26 10.30
C GLU B 140 -34.27 -2.79 9.12
N VAL B 141 -33.17 -2.10 8.80
CA VAL B 141 -32.35 -2.46 7.65
C VAL B 141 -31.55 -3.75 7.89
N VAL B 142 -30.97 -3.88 9.07
CA VAL B 142 -30.08 -5.00 9.37
C VAL B 142 -30.82 -6.20 9.95
N ALA B 143 -31.87 -5.92 10.73
CA ALA B 143 -32.65 -6.96 11.40
C ALA B 143 -31.78 -7.92 12.23
N PRO B 144 -30.98 -7.36 13.15
CA PRO B 144 -30.07 -8.23 13.91
C PRO B 144 -30.81 -8.98 15.00
N LYS B 145 -30.17 -10.00 15.57
CA LYS B 145 -30.78 -10.73 16.68
C LYS B 145 -30.58 -9.93 17.97
N GLY B 146 -29.54 -9.11 18.00
CA GLY B 146 -29.27 -8.29 19.17
C GLY B 146 -28.27 -7.19 18.88
N VAL B 147 -28.29 -6.16 19.72
CA VAL B 147 -27.38 -5.04 19.56
C VAL B 147 -26.82 -4.65 20.93
N TYR B 148 -25.50 -4.54 21.01
CA TYR B 148 -24.83 -4.17 22.25
C TYR B 148 -24.17 -2.82 22.04
N GLU B 149 -24.17 -1.98 23.07
CA GLU B 149 -23.48 -0.70 23.00
C GLU B 149 -22.24 -0.70 23.88
N ARG B 150 -21.10 -0.38 23.30
CA ARG B 150 -19.90 -0.15 24.09
C ARG B 150 -19.56 1.35 24.06
N SER B 151 -18.67 1.78 24.94
CA SER B 151 -18.33 3.19 25.04
C SER B 151 -16.84 3.46 25.02
N ASP B 152 -16.44 4.44 24.21
CA ASP B 152 -15.11 5.03 24.30
C ASP B 152 -15.26 6.13 25.34
N VAL B 153 -15.02 5.80 26.59
CA VAL B 153 -15.24 6.71 27.73
C VAL B 153 -14.65 8.10 27.53
N GLU B 154 -13.39 8.17 27.10
CA GLU B 154 -12.75 9.47 26.89
C GLU B 154 -13.39 10.24 25.74
N ALA B 155 -13.75 9.54 24.67
CA ALA B 155 -14.43 10.18 23.55
C ALA B 155 -15.77 10.73 23.99
N ARG B 156 -16.51 9.96 24.78
CA ARG B 156 -17.79 10.41 25.33
C ARG B 156 -17.57 11.61 26.24
N ARG B 157 -16.59 11.50 27.14
CA ARG B 157 -16.33 12.56 28.11
C ARG B 157 -15.96 13.88 27.43
N GLN B 158 -15.15 13.79 26.38
CA GLN B 158 -14.76 14.99 25.64
C GLN B 158 -15.95 15.62 24.93
N GLU B 159 -16.97 14.82 24.66
CA GLU B 159 -18.21 15.31 24.05
C GLU B 159 -19.24 15.68 25.11
N GLY B 160 -18.85 15.55 26.37
CA GLY B 160 -19.76 15.85 27.46
C GLY B 160 -20.91 14.88 27.54
N LEU B 161 -20.65 13.63 27.14
CA LEU B 161 -21.65 12.58 27.17
C LEU B 161 -21.33 11.56 28.26
N PRO B 162 -22.37 10.97 28.85
CA PRO B 162 -22.14 9.94 29.87
C PRO B 162 -21.75 8.63 29.20
N GLU B 163 -21.05 7.77 29.93
CA GLU B 163 -20.74 6.45 29.40
C GLU B 163 -22.01 5.62 29.34
N ARG B 164 -22.06 4.73 28.36
CA ARG B 164 -23.28 4.00 28.08
C ARG B 164 -22.89 2.61 27.58
N VAL B 165 -23.22 1.59 28.36
CA VAL B 165 -22.83 0.22 28.03
C VAL B 165 -23.99 -0.72 28.31
N GLY B 166 -24.24 -1.64 27.39
CA GLY B 166 -25.26 -2.65 27.63
C GLY B 166 -26.02 -3.05 26.39
N VAL B 167 -26.94 -3.99 26.55
CA VAL B 167 -27.79 -4.42 25.45
C VAL B 167 -28.79 -3.32 25.13
N VAL B 168 -28.86 -2.95 23.85
CA VAL B 168 -29.72 -1.88 23.39
C VAL B 168 -30.94 -2.47 22.70
N TYR B 169 -30.82 -3.73 22.29
CA TYR B 169 -31.91 -4.41 21.60
C TYR B 169 -31.70 -5.91 21.56
N GLY B 170 -32.80 -6.66 21.69
CA GLY B 170 -32.78 -8.08 21.47
C GLY B 170 -31.95 -8.87 22.46
N GLU B 171 -31.28 -9.90 21.93
CA GLU B 171 -30.48 -10.80 22.75
C GLU B 171 -29.03 -10.77 22.33
N VAL B 172 -28.15 -10.56 23.29
CA VAL B 172 -26.70 -10.63 23.08
C VAL B 172 -26.10 -11.60 24.08
N PRO B 173 -25.42 -12.65 23.60
CA PRO B 173 -24.83 -13.66 24.50
C PRO B 173 -23.82 -13.05 25.47
N GLU B 174 -23.72 -13.61 26.67
CA GLU B 174 -22.74 -13.19 27.68
C GLU B 174 -21.34 -13.30 27.11
N VAL B 175 -21.15 -14.31 26.25
CA VAL B 175 -19.89 -14.54 25.58
C VAL B 175 -20.13 -14.40 24.09
N LEU B 176 -19.53 -13.37 23.51
CA LEU B 176 -19.69 -13.11 22.09
C LEU B 176 -18.78 -14.05 21.31
N GLU B 177 -19.37 -14.89 20.47
CA GLU B 177 -18.62 -15.82 19.67
C GLU B 177 -18.21 -15.17 18.34
N VAL B 178 -17.03 -14.58 18.32
CA VAL B 178 -16.56 -13.89 17.13
C VAL B 178 -15.93 -14.89 16.17
N GLU B 179 -16.47 -14.97 14.97
CA GLU B 179 -15.96 -15.90 13.98
C GLU B 179 -15.23 -15.19 12.85
N GLU B 180 -14.02 -15.67 12.56
CA GLU B 180 -13.25 -15.13 11.45
C GLU B 180 -12.54 -16.28 10.76
N ASP B 181 -12.89 -16.51 9.50
CA ASP B 181 -12.27 -17.54 8.68
C ASP B 181 -12.13 -18.90 9.39
N GLY B 182 -13.24 -19.37 9.96
CA GLY B 182 -13.24 -20.67 10.61
C GLY B 182 -12.74 -20.68 12.05
N LEU B 183 -12.20 -19.54 12.50
CA LEU B 183 -11.73 -19.43 13.88
C LEU B 183 -12.77 -18.80 14.77
N ARG B 184 -12.97 -19.38 15.95
CA ARG B 184 -13.97 -18.87 16.89
C ARG B 184 -13.31 -18.36 18.16
N PHE B 185 -13.50 -17.07 18.44
CA PHE B 185 -12.98 -16.48 19.68
C PHE B 185 -14.12 -16.19 20.64
N PRO B 186 -14.13 -16.88 21.79
CA PRO B 186 -15.18 -16.65 22.80
C PRO B 186 -14.86 -15.45 23.70
N ILE B 187 -15.39 -14.28 23.33
CA ILE B 187 -15.05 -13.04 24.03
C ILE B 187 -16.13 -12.62 25.01
N PRO B 188 -15.82 -12.64 26.32
CA PRO B 188 -16.79 -12.20 27.32
C PRO B 188 -17.12 -10.72 27.10
N LEU B 189 -18.36 -10.33 27.37
CA LEU B 189 -18.82 -8.97 27.12
C LEU B 189 -18.00 -7.89 27.83
N ALA B 190 -17.52 -8.22 29.03
CA ALA B 190 -16.69 -7.29 29.79
C ALA B 190 -15.48 -6.88 28.97
N LEU B 191 -14.84 -7.85 28.34
CA LEU B 191 -13.70 -7.58 27.48
C LEU B 191 -14.16 -6.86 26.22
N ALA B 192 -15.33 -7.21 25.72
CA ALA B 192 -15.89 -6.58 24.53
C ALA B 192 -16.16 -5.10 24.75
N GLN B 193 -16.51 -4.74 25.98
CA GLN B 193 -16.70 -3.34 26.33
C GLN B 193 -15.38 -2.60 26.35
N LYS B 194 -14.43 -3.11 27.15
CA LYS B 194 -13.13 -2.45 27.30
C LYS B 194 -12.45 -2.29 25.96
N THR B 195 -12.15 -3.41 25.32
CA THR B 195 -11.47 -3.40 24.04
C THR B 195 -12.45 -3.55 22.89
N GLY B 196 -12.89 -4.78 22.66
CA GLY B 196 -13.76 -5.10 21.54
C GLY B 196 -13.15 -6.20 20.69
N TYR B 197 -13.08 -5.99 19.39
CA TYR B 197 -12.39 -6.93 18.51
C TYR B 197 -11.89 -6.19 17.28
N TYR B 198 -10.63 -6.42 16.93
CA TYR B 198 -9.97 -5.66 15.88
C TYR B 198 -10.23 -6.23 14.49
N LEU B 199 -11.39 -5.87 13.93
CA LEU B 199 -11.78 -6.31 12.60
C LEU B 199 -10.85 -5.71 11.54
N ASP B 200 -10.22 -4.59 11.87
CA ASP B 200 -9.38 -3.89 10.90
C ASP B 200 -8.10 -4.63 10.51
N GLN B 201 -7.72 -5.66 11.27
CA GLN B 201 -6.54 -6.45 10.94
C GLN B 201 -6.87 -7.71 10.15
N ARG B 202 -8.15 -7.89 9.81
CA ARG B 202 -8.61 -9.10 9.14
C ARG B 202 -7.82 -9.47 7.89
N GLU B 203 -7.53 -8.50 7.03
CA GLU B 203 -6.85 -8.80 5.78
C GLU B 203 -5.36 -9.07 6.02
N ASN B 204 -4.78 -8.39 7.01
CA ASN B 204 -3.41 -8.70 7.39
C ASN B 204 -3.31 -10.10 7.97
N ARG B 205 -4.32 -10.49 8.74
CA ARG B 205 -4.34 -11.83 9.33
C ARG B 205 -4.43 -12.90 8.23
N ARG B 206 -5.22 -12.62 7.19
CA ARG B 206 -5.32 -13.54 6.06
C ARG B 206 -4.01 -13.66 5.29
N LEU B 207 -3.35 -12.52 5.04
CA LEU B 207 -2.08 -12.52 4.33
CA LEU B 207 -2.07 -12.52 4.33
C LEU B 207 -1.04 -13.28 5.14
N PHE B 208 -1.03 -13.03 6.44
CA PHE B 208 -0.08 -13.69 7.33
C PHE B 208 -0.23 -15.22 7.32
N GLU B 209 -1.47 -15.70 7.41
CA GLU B 209 -1.69 -17.15 7.46
C GLU B 209 -1.17 -17.85 6.21
N ALA B 210 -1.35 -17.22 5.05
CA ALA B 210 -0.91 -17.81 3.79
C ALA B 210 0.61 -17.92 3.70
N MET B 211 1.32 -17.17 4.55
CA MET B 211 2.79 -17.14 4.49
C MET B 211 3.44 -18.13 5.45
N VAL B 212 2.71 -18.51 6.49
CA VAL B 212 3.26 -19.38 7.53
C VAL B 212 3.46 -20.82 7.05
N ARG B 213 4.65 -21.36 7.30
CA ARG B 213 4.95 -22.74 6.98
C ARG B 213 4.97 -23.56 8.27
N PRO B 214 4.53 -24.82 8.18
CA PRO B 214 4.56 -25.73 9.34
C PRO B 214 5.98 -25.79 9.91
N GLY B 215 6.10 -25.79 11.24
CA GLY B 215 7.39 -25.93 11.88
C GLY B 215 8.09 -24.61 12.18
N GLU B 216 7.59 -23.52 11.60
CA GLU B 216 8.18 -22.21 11.84
C GLU B 216 7.83 -21.71 13.24
N ARG B 217 8.59 -20.73 13.72
CA ARG B 217 8.32 -20.12 15.01
C ARG B 217 7.82 -18.71 14.81
N VAL B 218 6.73 -18.38 15.49
CA VAL B 218 6.07 -17.10 15.33
C VAL B 218 6.00 -16.38 16.68
N LEU B 219 6.33 -15.10 16.67
CA LEU B 219 6.18 -14.25 17.86
C LEU B 219 5.11 -13.19 17.59
N ASP B 220 3.98 -13.30 18.28
CA ASP B 220 2.83 -12.41 18.05
C ASP B 220 2.72 -11.42 19.20
N VAL B 221 3.23 -10.21 18.98
CA VAL B 221 3.33 -9.22 20.06
C VAL B 221 2.17 -8.23 20.00
N TYR B 222 1.64 -7.88 21.18
CA TYR B 222 0.37 -7.16 21.30
C TYR B 222 -0.71 -8.01 20.65
N SER B 223 -0.80 -9.25 21.10
CA SER B 223 -1.61 -10.26 20.41
C SER B 223 -3.11 -10.08 20.57
N TYR B 224 -3.54 -9.37 21.62
CA TYR B 224 -4.94 -9.38 22.03
C TYR B 224 -5.41 -10.84 22.12
N VAL B 225 -6.54 -11.17 21.54
CA VAL B 225 -7.08 -12.53 21.64
C VAL B 225 -6.41 -13.52 20.69
N GLY B 226 -5.38 -13.06 19.99
CA GLY B 226 -4.47 -13.96 19.29
C GLY B 226 -4.88 -14.38 17.91
N GLY B 227 -5.54 -13.48 17.18
CA GLY B 227 -5.88 -13.72 15.79
C GLY B 227 -4.70 -14.17 14.94
N PHE B 228 -3.56 -13.51 15.09
CA PHE B 228 -2.38 -13.91 14.32
C PHE B 228 -1.82 -15.24 14.81
N ALA B 229 -1.56 -15.33 16.11
CA ALA B 229 -0.98 -16.53 16.71
C ALA B 229 -1.80 -17.78 16.43
N LEU B 230 -3.13 -17.67 16.53
CA LEU B 230 -3.98 -18.83 16.33
C LEU B 230 -3.89 -19.34 14.88
N ARG B 231 -3.82 -18.40 13.94
CA ARG B 231 -3.68 -18.77 12.53
C ARG B 231 -2.34 -19.45 12.29
N ALA B 232 -1.30 -18.97 12.94
CA ALA B 232 0.02 -19.59 12.82
C ALA B 232 -0.05 -21.04 13.30
N ALA B 233 -0.75 -21.26 14.40
CA ALA B 233 -0.90 -22.59 14.97
C ALA B 233 -1.68 -23.52 14.04
N ARG B 234 -2.76 -22.99 13.46
CA ARG B 234 -3.57 -23.75 12.51
C ARG B 234 -2.74 -24.21 11.30
N LYS B 235 -1.72 -23.42 10.95
CA LYS B 235 -0.84 -23.74 9.83
C LYS B 235 0.30 -24.69 10.20
N GLY B 236 0.38 -25.02 11.49
CA GLY B 236 1.40 -25.96 11.96
C GLY B 236 2.65 -25.30 12.51
N ALA B 237 2.57 -24.01 12.81
CA ALA B 237 3.72 -23.29 13.37
C ALA B 237 3.63 -23.21 14.89
N TYR B 238 4.78 -22.98 15.53
CA TYR B 238 4.82 -22.70 16.96
C TYR B 238 4.64 -21.20 17.17
N ALA B 239 3.62 -20.82 17.93
CA ALA B 239 3.39 -19.40 18.17
C ALA B 239 3.52 -19.06 19.64
N LEU B 240 4.15 -17.91 19.92
CA LEU B 240 4.20 -17.35 21.25
C LEU B 240 3.48 -16.01 21.22
N ALA B 241 2.37 -15.92 21.95
CA ALA B 241 1.59 -14.69 21.98
C ALA B 241 1.92 -13.86 23.23
N VAL B 242 2.10 -12.56 23.03
CA VAL B 242 2.48 -11.67 24.13
C VAL B 242 1.48 -10.53 24.25
N ASP B 243 0.89 -10.38 25.44
CA ASP B 243 -0.03 -9.28 25.69
C ASP B 243 -0.07 -9.01 27.19
N LYS B 244 -0.37 -7.77 27.55
CA LYS B 244 -0.45 -7.42 28.97
C LYS B 244 -1.86 -7.67 29.53
N ASP B 245 -2.81 -7.90 28.62
CA ASP B 245 -4.20 -8.15 29.01
C ASP B 245 -4.44 -9.64 29.25
N LEU B 246 -4.51 -10.05 30.51
CA LEU B 246 -4.69 -11.45 30.85
C LEU B 246 -6.04 -11.99 30.38
N GLU B 247 -7.06 -11.14 30.43
CA GLU B 247 -8.39 -11.49 29.96
C GLU B 247 -8.35 -11.90 28.48
N ALA B 248 -7.65 -11.11 27.68
CA ALA B 248 -7.51 -11.38 26.26
C ALA B 248 -6.77 -12.69 25.99
N LEU B 249 -5.72 -12.95 26.77
CA LEU B 249 -4.95 -14.18 26.63
C LEU B 249 -5.81 -15.38 27.02
N GLY B 250 -6.72 -15.15 27.96
CA GLY B 250 -7.65 -16.19 28.37
C GLY B 250 -8.52 -16.64 27.21
N VAL B 251 -8.96 -15.69 26.40
CA VAL B 251 -9.75 -16.00 25.21
C VAL B 251 -8.94 -16.82 24.20
N LEU B 252 -7.70 -16.39 23.96
CA LEU B 252 -6.82 -17.09 23.04
C LEU B 252 -6.64 -18.52 23.51
N ASP B 253 -6.47 -18.67 24.83
CA ASP B 253 -6.28 -19.97 25.44
C ASP B 253 -7.47 -20.88 25.10
N GLN B 254 -8.67 -20.38 25.36
CA GLN B 254 -9.89 -21.14 25.06
C GLN B 254 -10.05 -21.41 23.57
N ALA B 255 -9.78 -20.40 22.74
CA ALA B 255 -9.90 -20.54 21.29
C ALA B 255 -8.97 -21.61 20.75
N ALA B 256 -7.76 -21.67 21.30
CA ALA B 256 -6.79 -22.68 20.91
C ALA B 256 -7.21 -24.07 21.41
N LEU B 257 -7.74 -24.13 22.61
CA LEU B 257 -8.20 -25.39 23.20
C LEU B 257 -9.27 -26.05 22.34
N ARG B 258 -10.23 -25.25 21.88
CA ARG B 258 -11.32 -25.72 21.02
C ARG B 258 -10.84 -26.46 19.78
N LEU B 259 -9.71 -26.03 19.24
CA LEU B 259 -9.22 -26.56 17.97
C LEU B 259 -8.08 -27.57 18.15
N GLY B 260 -7.73 -27.85 19.40
CA GLY B 260 -6.67 -28.78 19.70
C GLY B 260 -5.32 -28.26 19.25
N LEU B 261 -5.20 -26.94 19.19
CA LEU B 261 -3.98 -26.28 18.76
C LEU B 261 -3.18 -25.82 19.97
N ARG B 262 -1.86 -25.88 19.86
CA ARG B 262 -1.00 -25.45 20.95
C ARG B 262 -0.42 -24.06 20.67
N VAL B 263 -0.72 -23.12 21.54
CA VAL B 263 -0.16 -21.78 21.46
C VAL B 263 0.48 -21.40 22.79
N ASP B 264 1.75 -21.02 22.75
CA ASP B 264 2.44 -20.55 23.95
C ASP B 264 2.01 -19.13 24.27
N ILE B 265 1.85 -18.83 25.55
CA ILE B 265 1.34 -17.53 25.97
C ILE B 265 2.23 -16.88 27.02
N ARG B 266 2.55 -15.60 26.80
CA ARG B 266 3.27 -14.82 27.79
C ARG B 266 2.44 -13.61 28.21
N HIS B 267 2.01 -13.60 29.46
CA HIS B 267 1.36 -12.43 30.02
C HIS B 267 2.44 -11.48 30.48
N GLY B 268 2.59 -10.36 29.77
CA GLY B 268 3.60 -9.40 30.11
C GLY B 268 3.67 -8.26 29.13
N GLU B 269 4.49 -7.26 29.45
CA GLU B 269 4.64 -6.10 28.57
C GLU B 269 5.62 -6.35 27.43
N ALA B 270 5.31 -5.79 26.27
CA ALA B 270 6.02 -6.08 25.02
C ALA B 270 7.53 -5.89 25.08
N LEU B 271 7.97 -4.68 25.43
CA LEU B 271 9.40 -4.39 25.41
C LEU B 271 10.22 -5.21 26.43
N PRO B 272 9.79 -5.24 27.71
CA PRO B 272 10.52 -6.08 28.68
C PRO B 272 10.52 -7.55 28.28
N THR B 273 9.38 -8.03 27.76
CA THR B 273 9.29 -9.43 27.35
C THR B 273 10.28 -9.70 26.21
N LEU B 274 10.27 -8.84 25.20
CA LEU B 274 11.14 -9.07 24.05
C LEU B 274 12.62 -8.97 24.43
N ARG B 275 12.95 -8.07 25.35
CA ARG B 275 14.33 -7.96 25.81
C ARG B 275 14.82 -9.24 26.51
N GLY B 276 13.88 -10.04 26.99
CA GLY B 276 14.22 -11.27 27.68
C GLY B 276 14.14 -12.54 26.85
N LEU B 277 13.88 -12.37 25.55
CA LEU B 277 13.80 -13.50 24.62
C LEU B 277 15.08 -13.61 23.80
N GLU B 278 15.46 -14.83 23.45
CA GLU B 278 16.64 -15.05 22.62
C GLU B 278 16.32 -15.21 21.14
N GLY B 279 15.23 -15.91 20.82
CA GLY B 279 14.87 -16.14 19.43
C GLY B 279 15.74 -17.21 18.79
N PRO B 280 15.71 -17.31 17.46
CA PRO B 280 15.00 -16.42 16.54
C PRO B 280 13.61 -16.93 16.18
N PHE B 281 12.82 -16.06 15.55
CA PHE B 281 11.49 -16.40 15.09
C PHE B 281 11.41 -16.10 13.60
N HIS B 282 10.68 -16.92 12.87
CA HIS B 282 10.53 -16.74 11.43
C HIS B 282 9.57 -15.60 11.06
N HIS B 283 8.64 -15.31 11.97
CA HIS B 283 7.78 -14.16 11.81
C HIS B 283 7.69 -13.45 13.15
N VAL B 284 7.83 -12.13 13.14
CA VAL B 284 7.61 -11.33 14.34
C VAL B 284 6.56 -10.28 14.02
N LEU B 285 5.49 -10.23 14.80
CA LEU B 285 4.41 -9.29 14.51
C LEU B 285 4.30 -8.29 15.65
N LEU B 286 4.25 -7.00 15.28
CA LEU B 286 4.12 -5.92 16.25
C LEU B 286 2.90 -5.08 15.92
N ASP B 287 1.96 -5.01 16.86
CA ASP B 287 0.77 -4.21 16.64
C ASP B 287 0.53 -3.30 17.84
N PRO B 288 1.44 -2.33 18.07
CA PRO B 288 1.36 -1.51 19.28
C PRO B 288 0.28 -0.45 19.19
N PRO B 289 -0.30 -0.09 20.34
CA PRO B 289 -1.09 1.13 20.30
C PRO B 289 -0.10 2.26 20.13
N THR B 290 -0.39 3.20 19.24
CA THR B 290 0.52 4.30 19.00
C THR B 290 -0.21 5.61 19.19
N LEU B 291 -0.69 5.84 20.40
CA LEU B 291 -1.46 7.04 20.73
C LEU B 291 -0.63 8.30 20.55
N VAL B 292 -1.00 9.10 19.57
CA VAL B 292 -0.35 10.39 19.35
C VAL B 292 -1.39 11.51 19.45
N LYS B 293 -1.23 12.37 20.45
CA LYS B 293 -2.19 13.44 20.69
C LYS B 293 -1.78 14.72 19.97
N ARG B 294 -0.48 15.01 20.00
CA ARG B 294 0.06 16.19 19.33
C ARG B 294 1.26 15.81 18.46
N PRO B 295 1.48 16.56 17.36
CA PRO B 295 2.58 16.25 16.44
C PRO B 295 3.97 16.31 17.09
N GLU B 296 4.15 17.16 18.09
CA GLU B 296 5.45 17.28 18.76
C GLU B 296 5.81 16.03 19.56
N GLU B 297 4.83 15.15 19.75
CA GLU B 297 5.02 13.91 20.48
C GLU B 297 5.63 12.84 19.57
N LEU B 298 5.64 13.12 18.27
CA LEU B 298 6.06 12.14 17.28
C LEU B 298 7.52 11.65 17.42
N PRO B 299 8.48 12.56 17.59
CA PRO B 299 9.86 12.05 17.75
C PRO B 299 10.03 11.11 18.95
N ALA B 300 9.37 11.40 20.07
CA ALA B 300 9.46 10.51 21.24
C ALA B 300 8.83 9.15 20.98
N MET B 301 7.69 9.16 20.28
CA MET B 301 7.01 7.92 19.93
C MET B 301 7.88 7.08 19.01
N LYS B 302 8.54 7.73 18.06
CA LYS B 302 9.37 7.02 17.09
C LYS B 302 10.61 6.43 17.77
N ARG B 303 11.13 7.12 18.78
CA ARG B 303 12.24 6.56 19.56
C ARG B 303 11.81 5.31 20.30
N HIS B 304 10.61 5.33 20.86
CA HIS B 304 10.10 4.14 21.54
C HIS B 304 9.91 2.98 20.56
N LEU B 305 9.38 3.30 19.39
CA LEU B 305 9.18 2.28 18.36
C LEU B 305 10.50 1.68 17.92
N VAL B 306 11.54 2.50 17.83
CA VAL B 306 12.87 2.02 17.51
C VAL B 306 13.36 0.98 18.54
N ASP B 307 13.11 1.23 19.82
CA ASP B 307 13.51 0.29 20.86
C ASP B 307 12.80 -1.05 20.67
N LEU B 308 11.52 -0.99 20.35
CA LEU B 308 10.73 -2.19 20.11
C LEU B 308 11.19 -2.94 18.87
N VAL B 309 11.37 -2.23 17.77
CA VAL B 309 11.72 -2.85 16.50
C VAL B 309 13.15 -3.40 16.55
N ARG B 310 14.03 -2.72 17.29
CA ARG B 310 15.38 -3.24 17.43
C ARG B 310 15.37 -4.63 18.08
N GLU B 311 14.52 -4.82 19.10
CA GLU B 311 14.41 -6.14 19.74
C GLU B 311 13.79 -7.13 18.78
N ALA B 312 12.70 -6.71 18.13
CA ALA B 312 12.03 -7.56 17.16
C ALA B 312 12.96 -8.04 16.05
N LEU B 313 13.80 -7.14 15.53
CA LEU B 313 14.73 -7.52 14.47
C LEU B 313 15.81 -8.44 15.00
N ARG B 314 16.29 -8.16 16.21
CA ARG B 314 17.25 -9.05 16.85
C ARG B 314 16.71 -10.47 16.92
N LEU B 315 15.40 -10.56 17.16
CA LEU B 315 14.72 -11.84 17.31
C LEU B 315 14.29 -12.46 15.99
N LEU B 316 14.59 -11.79 14.88
CA LEU B 316 14.13 -12.22 13.57
C LEU B 316 15.14 -13.15 12.90
N ALA B 317 14.68 -14.34 12.51
CA ALA B 317 15.49 -15.33 11.81
C ALA B 317 15.97 -14.82 10.46
N GLU B 318 17.01 -15.45 9.92
CA GLU B 318 17.44 -15.15 8.57
C GLU B 318 16.27 -15.36 7.61
N GLU B 319 16.04 -14.37 6.74
CA GLU B 319 14.93 -14.36 5.78
C GLU B 319 13.55 -14.36 6.43
N GLY B 320 13.47 -13.97 7.70
CA GLY B 320 12.20 -13.92 8.40
C GLY B 320 11.43 -12.65 8.05
N PHE B 321 10.17 -12.58 8.52
CA PHE B 321 9.31 -11.44 8.24
C PHE B 321 8.96 -10.69 9.52
N LEU B 322 9.04 -9.37 9.47
CA LEU B 322 8.67 -8.52 10.59
C LEU B 322 7.49 -7.67 10.16
N TRP B 323 6.41 -7.70 10.95
CA TRP B 323 5.20 -6.93 10.65
C TRP B 323 5.12 -5.79 11.65
N LEU B 324 5.05 -4.55 11.17
CA LEU B 324 4.94 -3.40 12.05
C LEU B 324 3.71 -2.58 11.67
N SER B 325 2.70 -2.55 12.56
CA SER B 325 1.49 -1.78 12.29
C SER B 325 1.44 -0.53 13.16
N SER B 326 0.85 0.53 12.63
CA SER B 326 0.54 1.72 13.42
C SER B 326 -0.93 2.05 13.19
N CYS B 327 -1.65 2.34 14.27
CA CYS B 327 -3.07 2.68 14.15
C CYS B 327 -3.35 4.14 14.45
N SER B 328 -2.34 4.99 14.30
CA SER B 328 -2.51 6.43 14.45
C SER B 328 -2.37 7.17 13.13
N TYR B 329 -3.32 8.06 12.85
CA TYR B 329 -3.26 8.91 11.68
C TYR B 329 -1.97 9.74 11.64
N HIS B 330 -1.45 10.07 12.83
CA HIS B 330 -0.29 10.93 12.94
C HIS B 330 1.02 10.20 12.64
N LEU B 331 0.97 8.88 12.68
CA LEU B 331 2.17 8.07 12.45
C LEU B 331 2.10 7.46 11.06
N ARG B 332 2.81 8.07 10.11
CA ARG B 332 2.69 7.73 8.69
C ARG B 332 3.57 6.55 8.32
N LEU B 333 3.36 6.03 7.11
CA LEU B 333 4.24 5.00 6.55
C LEU B 333 5.70 5.46 6.58
N GLU B 334 5.94 6.71 6.18
CA GLU B 334 7.30 7.25 6.16
C GLU B 334 7.96 7.17 7.53
N ASP B 335 7.18 7.39 8.58
CA ASP B 335 7.67 7.28 9.95
C ASP B 335 8.03 5.85 10.30
N LEU B 336 7.21 4.90 9.86
CA LEU B 336 7.51 3.49 10.06
C LEU B 336 8.80 3.10 9.34
N LEU B 337 8.95 3.58 8.11
CA LEU B 337 10.16 3.31 7.33
C LEU B 337 11.39 3.86 8.05
N GLU B 338 11.29 5.08 8.56
CA GLU B 338 12.39 5.69 9.31
C GLU B 338 12.75 4.87 10.56
N VAL B 339 11.73 4.44 11.28
CA VAL B 339 11.93 3.60 12.47
C VAL B 339 12.66 2.33 12.10
N ALA B 340 12.18 1.68 11.04
CA ALA B 340 12.79 0.42 10.60
C ALA B 340 14.24 0.61 10.15
N ARG B 341 14.51 1.68 9.41
CA ARG B 341 15.88 1.96 8.98
C ARG B 341 16.83 2.18 10.16
N ARG B 342 16.36 2.86 11.20
CA ARG B 342 17.18 3.11 12.38
C ARG B 342 17.49 1.82 13.14
N ALA B 343 16.48 0.98 13.32
CA ALA B 343 16.65 -0.29 14.01
C ALA B 343 17.58 -1.21 13.22
N ALA B 344 17.40 -1.25 11.91
CA ALA B 344 18.23 -2.09 11.06
C ALA B 344 19.70 -1.63 11.09
N ALA B 345 19.89 -0.32 11.14
CA ALA B 345 21.25 0.23 11.20
C ALA B 345 21.95 -0.14 12.49
N ASP B 346 21.20 -0.12 13.60
CA ASP B 346 21.75 -0.50 14.90
C ASP B 346 22.26 -1.93 14.91
N LEU B 347 21.61 -2.80 14.14
CA LEU B 347 21.95 -4.23 14.17
C LEU B 347 22.74 -4.71 12.96
N GLY B 348 22.87 -3.84 11.96
CA GLY B 348 23.59 -4.18 10.73
C GLY B 348 22.82 -5.16 9.86
N ARG B 349 21.49 -5.06 9.89
CA ARG B 349 20.61 -5.94 9.11
C ARG B 349 20.17 -5.26 7.83
N ARG B 350 20.01 -6.06 6.78
CA ARG B 350 19.54 -5.58 5.48
C ARG B 350 18.14 -6.12 5.24
N LEU B 351 17.19 -5.22 4.99
CA LEU B 351 15.78 -5.60 4.93
C LEU B 351 15.13 -5.17 3.61
N ARG B 352 14.16 -5.96 3.17
CA ARG B 352 13.35 -5.64 2.00
C ARG B 352 11.94 -5.26 2.44
N VAL B 353 11.33 -4.29 1.76
CA VAL B 353 9.92 -3.97 2.02
C VAL B 353 9.04 -4.98 1.28
N HIS B 354 8.51 -5.94 2.02
CA HIS B 354 7.75 -7.03 1.42
C HIS B 354 6.33 -6.60 1.02
N ARG B 355 5.65 -5.92 1.93
CA ARG B 355 4.32 -5.38 1.66
C ARG B 355 4.08 -4.14 2.49
N VAL B 356 3.29 -3.22 1.93
CA VAL B 356 2.69 -2.16 2.73
C VAL B 356 1.20 -2.31 2.55
N THR B 357 0.47 -2.41 3.66
CA THR B 357 -0.97 -2.52 3.58
C THR B 357 -1.65 -1.42 4.39
N TYR B 358 -2.92 -1.20 4.05
CA TYR B 358 -3.73 -0.19 4.68
C TYR B 358 -5.00 -0.86 5.17
N GLN B 359 -5.77 -0.15 5.98
CA GLN B 359 -7.01 -0.70 6.53
C GLN B 359 -7.95 -1.23 5.43
N PRO B 360 -8.68 -2.31 5.73
CA PRO B 360 -9.56 -2.94 4.73
C PRO B 360 -10.83 -2.16 4.43
N GLU B 361 -11.59 -2.67 3.46
CA GLU B 361 -12.70 -1.95 2.79
C GLU B 361 -13.84 -1.58 3.74
N ASP B 362 -14.04 -2.40 4.77
CA ASP B 362 -15.10 -2.15 5.75
C ASP B 362 -14.74 -1.04 6.73
N HIS B 363 -13.51 -0.57 6.66
CA HIS B 363 -13.05 0.60 7.42
C HIS B 363 -12.63 1.63 6.37
N PRO B 364 -13.60 2.20 5.64
CA PRO B 364 -13.29 3.00 4.45
C PRO B 364 -12.36 4.20 4.68
N TRP B 365 -11.44 4.37 3.74
CA TRP B 365 -10.52 5.48 3.71
C TRP B 365 -11.08 6.46 2.69
N SER B 366 -11.65 7.56 3.16
CA SER B 366 -12.23 8.54 2.25
C SER B 366 -11.15 9.48 1.71
N LEU B 367 -11.17 9.73 0.41
CA LEU B 367 -10.23 10.67 -0.20
C LEU B 367 -10.36 12.07 0.41
N HIS B 368 -11.55 12.39 0.92
CA HIS B 368 -11.87 13.76 1.32
C HIS B 368 -11.68 14.02 2.79
N ILE B 369 -11.33 12.97 3.53
CA ILE B 369 -11.16 13.07 4.96
C ILE B 369 -9.77 12.52 5.27
N PRO B 370 -8.76 13.39 5.26
CA PRO B 370 -7.36 12.95 5.31
C PRO B 370 -7.07 12.09 6.54
N GLU B 371 -7.78 12.35 7.64
CA GLU B 371 -7.59 11.56 8.86
C GLU B 371 -8.42 10.28 8.88
N SER B 372 -9.07 9.99 7.76
CA SER B 372 -9.83 8.75 7.60
C SER B 372 -8.86 7.56 7.62
N LEU B 373 -7.65 7.78 7.14
CA LEU B 373 -6.66 6.71 7.15
C LEU B 373 -5.98 6.71 8.51
N TYR B 374 -6.09 5.60 9.23
CA TYR B 374 -5.40 5.48 10.51
C TYR B 374 -4.49 4.25 10.64
N LEU B 375 -4.86 3.15 10.00
CA LEU B 375 -4.10 1.91 10.13
C LEU B 375 -3.28 1.61 8.88
N LYS B 376 -1.98 1.40 9.07
CA LYS B 376 -1.15 0.98 7.96
C LYS B 376 -0.07 0.08 8.51
N THR B 377 0.43 -0.82 7.67
CA THR B 377 1.31 -1.86 8.15
C THR B 377 2.47 -2.02 7.21
N LEU B 378 3.67 -2.08 7.78
CA LEU B 378 4.88 -2.27 7.02
C LEU B 378 5.33 -3.71 7.26
N VAL B 379 5.41 -4.51 6.20
CA VAL B 379 5.89 -5.88 6.33
C VAL B 379 7.28 -5.96 5.71
N LEU B 380 8.28 -6.31 6.52
CA LEU B 380 9.66 -6.36 6.06
C LEU B 380 10.15 -7.80 6.00
N GLN B 381 10.97 -8.13 5.01
CA GLN B 381 11.67 -9.41 5.06
C GLN B 381 13.17 -9.19 5.19
N ASP B 382 13.80 -9.99 6.05
CA ASP B 382 15.22 -9.98 6.16
C ASP B 382 15.80 -10.38 4.82
N ASP B 383 16.72 -9.58 4.29
CA ASP B 383 17.13 -9.66 2.89
C ASP B 383 18.66 -9.64 2.74
N PRO B 384 19.34 -10.65 3.28
CA PRO B 384 20.80 -10.63 3.19
C PRO B 384 21.30 -10.87 1.77
N LEU B 385 22.43 -10.26 1.42
CA LEU B 385 23.02 -10.47 0.10
C LEU B 385 23.95 -11.68 0.06
#